data_8V5F
#
_entry.id   8V5F
#
_cell.length_a   53.241
_cell.length_b   109.226
_cell.length_c   202.385
_cell.angle_alpha   90.000
_cell.angle_beta   90.000
_cell.angle_gamma   90.000
#
_symmetry.space_group_name_H-M   'P 21 21 21'
#
loop_
_entity.id
_entity.type
_entity.pdbx_description
1 polymer 'Phosphosugar-binding transcriptional regulator'
2 non-polymer 'PHOSPHATE ION'
3 non-polymer 'SULFATE ION'
4 non-polymer 'CHLORIDE ION'
5 water water
#
_entity_poly.entity_id   1
_entity_poly.type   'polypeptide(L)'
_entity_poly.pdbx_seq_one_letter_code
;MDKPDIATVIDSHFEEMTDLEQEIARYFLQAETIQDDLSSQQVTQKLHISQAALTRFAKKCGFTGYREFIFQYQHEAENQ
ANQVSKHSPLTKRVLRSYSNMREQTQDLIDEVQLERIAQLIEDAERVYFFGTGSSGLVAREMKLRFMRLGVVCEALTDQD
GFAWTTSIMDENCLVLGFSLSGSTPSILDSLLDAKEMGAKTVLFSSVPNKDSQAYTETVLVATHSQPSYIQRISAQLPML
FFIDLIYAYFLEINRESKEKIFNSYWENKKLNGYRRQKRVRKS
;
_entity_poly.pdbx_strand_id   A,B,C,D
#
loop_
_chem_comp.id
_chem_comp.type
_chem_comp.name
_chem_comp.formula
CL non-polymer 'CHLORIDE ION' 'Cl -1'
PO4 non-polymer 'PHOSPHATE ION' 'O4 P -3'
SO4 non-polymer 'SULFATE ION' 'O4 S -2'
#
# COMPACT_ATOMS: atom_id res chain seq x y z
N ASP A 2 50.53 35.66 16.15
CA ASP A 2 51.77 35.12 15.60
C ASP A 2 51.77 33.58 15.68
N LYS A 3 51.35 32.95 14.58
CA LYS A 3 51.32 31.50 14.47
C LYS A 3 52.11 31.05 13.25
N PRO A 4 52.69 29.85 13.28
CA PRO A 4 53.49 29.38 12.13
C PRO A 4 52.59 28.91 11.00
N ASP A 5 52.60 29.65 9.89
CA ASP A 5 51.87 29.25 8.70
C ASP A 5 52.46 27.94 8.15
N ILE A 6 51.59 27.09 7.61
CA ILE A 6 52.03 25.78 7.13
C ILE A 6 53.13 25.94 6.09
N ALA A 7 53.06 27.02 5.29
CA ALA A 7 54.11 27.26 4.30
C ALA A 7 55.44 27.55 4.98
N THR A 8 55.46 28.47 5.95
CA THR A 8 56.71 28.77 6.66
C THR A 8 57.29 27.50 7.27
N VAL A 9 56.44 26.56 7.67
CA VAL A 9 56.89 25.31 8.28
C VAL A 9 57.59 24.42 7.27
N ILE A 10 57.00 24.27 6.08
CA ILE A 10 57.64 23.42 5.07
C ILE A 10 59.06 23.90 4.81
N ASP A 11 59.25 25.21 4.69
CA ASP A 11 60.57 25.76 4.42
C ASP A 11 61.51 25.61 5.61
N SER A 12 60.96 25.64 6.84
CA SER A 12 61.79 25.45 8.03
C SER A 12 62.44 24.07 8.03
N HIS A 13 61.82 23.11 7.34
CA HIS A 13 62.32 21.75 7.28
C HIS A 13 62.83 21.37 5.89
N PHE A 14 62.79 22.28 4.93
CA PHE A 14 63.17 21.93 3.57
C PHE A 14 64.60 21.42 3.51
N GLU A 15 65.48 22.00 4.32
CA GLU A 15 66.89 21.66 4.27
C GLU A 15 67.23 20.45 5.13
N GLU A 16 66.25 19.89 5.85
CA GLU A 16 66.40 18.58 6.46
C GLU A 16 65.91 17.46 5.55
N MET A 17 65.40 17.77 4.36
CA MET A 17 64.69 16.81 3.53
C MET A 17 65.62 16.19 2.49
N THR A 18 65.39 14.91 2.23
CA THR A 18 65.93 14.31 1.01
C THR A 18 65.46 14.99 -0.29
N ASP A 19 66.05 14.54 -1.40
CA ASP A 19 65.71 15.18 -2.66
C ASP A 19 64.27 14.89 -3.06
N LEU A 20 63.81 13.65 -2.87
CA LEU A 20 62.42 13.32 -3.18
C LEU A 20 61.46 14.10 -2.30
N GLU A 21 61.78 14.18 -1.00
CA GLU A 21 60.95 14.96 -0.10
C GLU A 21 60.94 16.42 -0.52
N GLN A 22 62.06 16.90 -1.06
CA GLN A 22 62.12 18.27 -1.54
C GLN A 22 61.16 18.44 -2.70
N GLU A 23 61.13 17.46 -3.63
CA GLU A 23 60.18 17.53 -4.75
C GLU A 23 58.75 17.59 -4.25
N ILE A 24 58.44 16.81 -3.20
CA ILE A 24 57.10 16.87 -2.61
C ILE A 24 56.84 18.25 -2.02
N ALA A 25 57.83 18.81 -1.32
CA ALA A 25 57.66 20.13 -0.72
C ALA A 25 57.36 21.18 -1.78
N ARG A 26 58.08 21.12 -2.92
CA ARG A 26 57.89 22.12 -3.96
C ARG A 26 56.45 22.10 -4.47
N TYR A 27 55.89 20.91 -4.66
CA TYR A 27 54.50 20.80 -5.07
C TYR A 27 53.58 21.45 -4.05
N PHE A 28 53.74 21.09 -2.77
CA PHE A 28 52.86 21.59 -1.73
C PHE A 28 53.07 23.06 -1.42
N LEU A 29 54.20 23.64 -1.85
CA LEU A 29 54.45 25.06 -1.61
C LEU A 29 53.75 25.95 -2.62
N GLN A 30 53.22 25.39 -3.70
CA GLN A 30 52.53 26.19 -4.69
C GLN A 30 51.14 26.58 -4.18
N ALA A 31 50.78 27.86 -4.35
CA ALA A 31 49.51 28.35 -3.82
C ALA A 31 48.32 27.74 -4.53
N GLU A 32 48.47 27.39 -5.81
CA GLU A 32 47.41 26.80 -6.61
C GLU A 32 47.29 25.29 -6.41
N THR A 33 48.10 24.71 -5.53
CA THR A 33 47.96 23.28 -5.23
C THR A 33 46.74 22.99 -4.38
N ILE A 34 46.31 23.95 -3.54
CA ILE A 34 45.14 23.70 -2.69
C ILE A 34 43.91 23.41 -3.54
N GLN A 35 43.88 23.92 -4.76
CA GLN A 35 42.76 23.67 -5.64
C GLN A 35 42.93 22.34 -6.35
N ASP A 36 43.28 21.30 -5.61
CA ASP A 36 43.46 19.96 -6.13
C ASP A 36 42.85 18.97 -5.14
N ASP A 37 42.56 17.77 -5.62
CA ASP A 37 42.17 16.66 -4.76
C ASP A 37 43.43 16.14 -4.08
N LEU A 38 43.63 16.53 -2.82
CA LEU A 38 44.86 16.20 -2.11
C LEU A 38 44.71 14.99 -1.20
N SER A 39 43.88 14.03 -1.59
CA SER A 39 43.91 12.74 -0.92
C SER A 39 45.27 12.09 -1.13
N SER A 40 45.61 11.15 -0.25
CA SER A 40 46.89 10.47 -0.42
C SER A 40 46.92 9.63 -1.70
N GLN A 41 45.76 9.15 -2.16
CA GLN A 41 45.74 8.31 -3.36
C GLN A 41 45.90 9.12 -4.64
N GLN A 42 45.43 10.36 -4.65
CA GLN A 42 45.52 11.17 -5.85
C GLN A 42 46.82 11.95 -5.90
N VAL A 43 47.38 12.30 -4.73
CA VAL A 43 48.68 12.97 -4.67
C VAL A 43 49.81 12.01 -5.05
N THR A 44 49.72 10.75 -4.61
CA THR A 44 50.76 9.80 -5.00
C THR A 44 50.85 9.67 -6.51
N GLN A 45 49.69 9.56 -7.18
CA GLN A 45 49.68 9.36 -8.64
C GLN A 45 50.14 10.63 -9.36
N LYS A 46 49.79 11.80 -8.82
CA LYS A 46 50.23 13.06 -9.42
C LYS A 46 51.74 13.19 -9.38
N LEU A 47 52.35 12.82 -8.26
CA LEU A 47 53.79 12.91 -8.07
C LEU A 47 54.51 11.61 -8.39
N HIS A 48 53.77 10.54 -8.69
CA HIS A 48 54.36 9.22 -8.98
C HIS A 48 55.28 8.76 -7.86
N ILE A 49 54.79 8.82 -6.63
CA ILE A 49 55.54 8.41 -5.46
C ILE A 49 54.72 7.37 -4.72
N SER A 50 55.34 6.76 -3.71
CA SER A 50 54.69 5.83 -2.82
C SER A 50 53.96 6.58 -1.70
N GLN A 51 52.95 5.91 -1.14
CA GLN A 51 52.31 6.45 0.05
C GLN A 51 53.30 6.53 1.20
N ALA A 52 54.28 5.62 1.25
CA ALA A 52 55.26 5.64 2.33
C ALA A 52 56.22 6.82 2.15
N ALA A 53 56.54 7.15 0.90
CA ALA A 53 57.40 8.30 0.66
C ALA A 53 56.69 9.59 1.09
N LEU A 54 55.38 9.65 0.91
CA LEU A 54 54.62 10.84 1.32
C LEU A 54 54.54 10.95 2.83
N THR A 55 54.31 9.83 3.50
CA THR A 55 54.31 9.84 4.96
C THR A 55 55.65 10.35 5.50
N ARG A 56 56.77 9.90 4.90
CA ARG A 56 58.07 10.38 5.34
C ARG A 56 58.17 11.91 5.20
N PHE A 57 57.66 12.44 4.09
CA PHE A 57 57.64 13.89 3.91
C PHE A 57 56.85 14.57 5.02
N ALA A 58 55.67 14.03 5.34
CA ALA A 58 54.87 14.62 6.41
C ALA A 58 55.60 14.55 7.74
N LYS A 59 56.32 13.45 7.99
CA LYS A 59 57.00 13.30 9.27
C LYS A 59 58.23 14.21 9.36
N LYS A 60 58.86 14.50 8.22
CA LYS A 60 59.96 15.46 8.22
C LYS A 60 59.48 16.83 8.64
N CYS A 61 58.24 17.18 8.32
CA CYS A 61 57.66 18.46 8.68
C CYS A 61 57.17 18.48 10.12
N GLY A 62 57.32 17.38 10.84
CA GLY A 62 57.00 17.35 12.25
C GLY A 62 55.62 16.84 12.59
N PHE A 63 54.90 16.25 11.65
CA PHE A 63 53.57 15.72 11.89
C PHE A 63 53.63 14.23 12.14
N THR A 64 52.59 13.71 12.80
CA THR A 64 52.51 12.27 13.02
C THR A 64 52.26 11.51 11.72
N GLY A 65 51.80 12.19 10.68
CA GLY A 65 51.54 11.54 9.42
C GLY A 65 50.93 12.52 8.43
N TYR A 66 50.62 12.00 7.25
CA TYR A 66 50.08 12.86 6.20
C TYR A 66 48.70 13.39 6.55
N ARG A 67 47.86 12.55 7.15
CA ARG A 67 46.51 12.99 7.48
C ARG A 67 46.55 14.21 8.39
N GLU A 68 47.44 14.22 9.39
CA GLU A 68 47.58 15.40 10.21
C GLU A 68 48.10 16.57 9.38
N PHE A 69 49.15 16.33 8.58
CA PHE A 69 49.71 17.39 7.77
C PHE A 69 48.66 18.00 6.86
N ILE A 70 47.87 17.16 6.19
CA ILE A 70 46.95 17.68 5.18
C ILE A 70 45.74 18.35 5.80
N PHE A 71 45.34 17.96 7.01
CA PHE A 71 44.31 18.71 7.73
C PHE A 71 44.76 20.15 7.98
N GLN A 72 45.95 20.34 8.53
CA GLN A 72 46.42 21.71 8.78
C GLN A 72 46.64 22.46 7.47
N TYR A 73 47.11 21.78 6.44
CA TYR A 73 47.24 22.43 5.14
C TYR A 73 45.89 22.94 4.64
N GLN A 74 44.79 22.26 4.99
CA GLN A 74 43.46 22.62 4.52
C GLN A 74 42.66 23.43 5.54
N HIS A 75 42.95 23.28 6.84
CA HIS A 75 42.25 24.05 7.87
C HIS A 75 42.71 25.50 7.86
N GLU A 76 43.97 25.75 7.52
CA GLU A 76 44.44 27.12 7.42
C GLU A 76 43.84 27.81 6.20
N ALA A 77 43.53 27.04 5.16
CA ALA A 77 42.84 27.60 4.00
C ALA A 77 41.35 27.75 4.27
N GLU A 78 40.80 26.98 5.20
CA GLU A 78 39.38 27.06 5.56
C GLU A 78 38.95 28.51 5.66
N ASN A 79 37.92 28.87 4.90
CA ASN A 79 37.50 30.26 4.79
C ASN A 79 36.44 30.64 5.82
N GLN A 80 35.98 29.69 6.63
CA GLN A 80 34.92 29.96 7.60
C GLN A 80 35.01 28.95 8.72
N ALA A 81 34.26 29.23 9.79
CA ALA A 81 34.14 28.31 10.92
C ALA A 81 33.20 27.16 10.56
N ASN A 82 33.64 26.38 9.56
CA ASN A 82 32.84 25.24 9.13
C ASN A 82 32.59 24.27 10.27
N GLN A 83 33.47 24.26 11.28
CA GLN A 83 33.32 23.31 12.38
C GLN A 83 32.02 23.54 13.14
N VAL A 84 31.65 24.80 13.39
CA VAL A 84 30.52 25.10 14.25
C VAL A 84 29.22 24.64 13.60
N SER A 85 28.29 24.16 14.44
CA SER A 85 27.01 23.61 13.95
C SER A 85 26.03 24.75 13.74
N LYS A 86 25.81 25.09 12.47
CA LYS A 86 24.84 26.07 12.05
C LYS A 86 23.40 25.65 12.35
N HIS A 87 23.18 24.38 12.68
CA HIS A 87 21.85 23.84 12.88
C HIS A 87 21.13 24.54 14.03
N SER A 88 19.80 24.35 14.08
CA SER A 88 18.95 24.82 15.17
C SER A 88 18.64 23.67 16.11
N PRO A 89 18.20 23.95 17.34
CA PRO A 89 17.97 22.85 18.28
C PRO A 89 16.95 21.84 17.78
N LEU A 90 15.98 22.26 16.97
CA LEU A 90 14.99 21.30 16.49
C LEU A 90 15.59 20.35 15.47
N THR A 91 16.32 20.89 14.50
CA THR A 91 17.02 20.04 13.54
C THR A 91 17.89 19.01 14.27
N LYS A 92 18.67 19.46 15.25
CA LYS A 92 19.55 18.56 15.98
C LYS A 92 18.77 17.62 16.90
N ARG A 93 17.53 17.95 17.25
CA ARG A 93 16.73 17.01 18.01
C ARG A 93 16.27 15.87 17.12
N VAL A 94 15.86 16.20 15.88
CA VAL A 94 15.41 15.18 14.94
C VAL A 94 16.58 14.29 14.57
N LEU A 95 17.76 14.87 14.35
CA LEU A 95 18.90 14.10 13.88
C LEU A 95 19.43 13.17 14.96
N ARG A 96 19.54 13.65 16.21
CA ARG A 96 19.94 12.77 17.29
C ARG A 96 19.00 11.58 17.39
N SER A 97 17.71 11.81 17.17
CA SER A 97 16.73 10.73 17.25
C SER A 97 17.02 9.64 16.23
N TYR A 98 17.47 10.03 15.04
CA TYR A 98 17.85 9.05 14.04
C TYR A 98 19.15 8.34 14.44
N SER A 99 20.18 9.12 14.84
CA SER A 99 21.48 8.53 15.19
C SER A 99 21.36 7.66 16.43
N ASN A 100 20.63 8.12 17.43
CA ASN A 100 20.52 7.35 18.66
C ASN A 100 19.86 6.01 18.38
N MET A 101 18.89 5.99 17.47
CA MET A 101 18.21 4.73 17.16
C MET A 101 19.13 3.78 16.42
N ARG A 102 19.99 4.30 15.55
CA ARG A 102 21.03 3.47 14.96
C ARG A 102 21.87 2.81 16.05
N GLU A 103 22.27 3.59 17.05
CA GLU A 103 23.11 3.06 18.12
C GLU A 103 22.38 1.99 18.91
N GLN A 104 21.12 2.25 19.29
CA GLN A 104 20.39 1.27 20.07
C GLN A 104 20.11 0.02 19.25
N THR A 105 19.90 0.17 17.95
CA THR A 105 19.78 -0.99 17.07
C THR A 105 21.05 -1.81 17.10
N GLN A 106 22.19 -1.15 16.89
CA GLN A 106 23.48 -1.85 16.92
C GLN A 106 23.61 -2.73 18.15
N ASP A 107 23.24 -2.19 19.32
CA ASP A 107 23.38 -2.94 20.56
C ASP A 107 22.34 -4.05 20.70
N LEU A 108 21.27 -4.02 19.91
CA LEU A 108 20.20 -4.99 20.05
C LEU A 108 20.28 -6.13 19.04
N ILE A 109 21.06 -5.96 17.96
CA ILE A 109 21.09 -6.96 16.89
C ILE A 109 21.60 -8.29 17.44
N ASP A 110 20.93 -9.38 17.04
CA ASP A 110 21.38 -10.75 17.30
C ASP A 110 21.52 -11.40 15.93
N GLU A 111 22.72 -11.29 15.32
CA GLU A 111 22.88 -11.66 13.91
C GLU A 111 22.43 -13.08 13.60
N VAL A 112 22.58 -14.02 14.55
CA VAL A 112 22.16 -15.39 14.27
C VAL A 112 20.65 -15.45 14.09
N GLN A 113 19.91 -14.64 14.85
CA GLN A 113 18.45 -14.64 14.78
C GLN A 113 17.97 -14.08 13.45
N LEU A 114 18.63 -13.02 12.98
CA LEU A 114 18.21 -12.37 11.75
C LEU A 114 18.41 -13.29 10.55
N GLU A 115 19.53 -14.01 10.51
CA GLU A 115 19.73 -14.98 9.44
C GLU A 115 18.69 -16.09 9.53
N ARG A 116 18.43 -16.56 10.75
CA ARG A 116 17.37 -17.55 10.97
C ARG A 116 16.04 -17.04 10.43
N ILE A 117 15.68 -15.80 10.76
CA ILE A 117 14.42 -15.26 10.28
C ILE A 117 14.45 -15.11 8.77
N ALA A 118 15.61 -14.73 8.21
CA ALA A 118 15.73 -14.72 6.76
C ALA A 118 15.50 -16.12 6.19
N GLN A 119 16.04 -17.14 6.85
CA GLN A 119 15.85 -18.52 6.41
C GLN A 119 14.40 -18.97 6.56
N LEU A 120 13.73 -18.53 7.64
CA LEU A 120 12.31 -18.85 7.79
C LEU A 120 11.50 -18.33 6.61
N ILE A 121 11.80 -17.11 6.16
CA ILE A 121 11.09 -16.55 5.01
C ILE A 121 11.35 -17.39 3.77
N GLU A 122 12.60 -17.80 3.56
CA GLU A 122 12.94 -18.61 2.40
C GLU A 122 12.24 -19.97 2.43
N ASP A 123 12.21 -20.61 3.60
CA ASP A 123 11.67 -21.95 3.69
C ASP A 123 10.14 -21.96 3.63
N ALA A 124 9.49 -20.89 4.07
CA ALA A 124 8.05 -20.80 3.95
C ALA A 124 7.66 -20.59 2.50
N GLU A 125 6.51 -21.15 2.10
CA GLU A 125 5.96 -20.86 0.78
C GLU A 125 5.10 -19.59 0.77
N ARG A 126 4.34 -19.33 1.82
CA ARG A 126 3.57 -18.09 1.88
C ARG A 126 3.75 -17.42 3.24
N VAL A 127 4.02 -16.12 3.20
CA VAL A 127 4.37 -15.32 4.38
C VAL A 127 3.44 -14.13 4.46
N TYR A 128 3.02 -13.79 5.68
CA TYR A 128 2.10 -12.68 5.91
C TYR A 128 2.70 -11.70 6.90
N PHE A 129 2.50 -10.40 6.63
CA PHE A 129 2.95 -9.34 7.51
C PHE A 129 1.75 -8.64 8.13
N PHE A 130 1.66 -8.68 9.46
CA PHE A 130 0.55 -8.08 10.19
C PHE A 130 1.01 -6.80 10.87
N GLY A 131 0.27 -5.72 10.68
CA GLY A 131 0.56 -4.47 11.36
C GLY A 131 -0.53 -3.42 11.25
N THR A 132 -0.64 -2.57 12.27
CA THR A 132 -1.66 -1.52 12.30
C THR A 132 -0.99 -0.15 12.42
N GLY A 133 -1.68 0.86 11.91
CA GLY A 133 -1.13 2.20 11.96
C GLY A 133 0.23 2.28 11.31
N SER A 134 1.16 2.99 11.93
CA SER A 134 2.46 3.12 11.30
C SER A 134 3.09 1.77 10.98
N SER A 135 2.79 0.75 11.77
CA SER A 135 3.35 -0.56 11.56
C SER A 135 2.71 -1.26 10.37
N GLY A 136 1.46 -0.94 10.03
CA GLY A 136 0.88 -1.46 8.81
C GLY A 136 1.62 -0.95 7.59
N LEU A 137 2.10 0.29 7.65
CA LEU A 137 2.92 0.82 6.56
C LEU A 137 4.21 0.04 6.45
N VAL A 138 4.79 -0.37 7.59
CA VAL A 138 5.99 -1.19 7.58
C VAL A 138 5.70 -2.53 6.92
N ALA A 139 4.56 -3.13 7.28
CA ALA A 139 4.18 -4.41 6.69
C ALA A 139 4.03 -4.28 5.17
N ARG A 140 3.41 -3.21 4.72
CA ARG A 140 3.23 -3.02 3.28
C ARG A 140 4.59 -2.81 2.60
N GLU A 141 5.49 -2.05 3.24
CA GLU A 141 6.81 -1.82 2.66
C GLU A 141 7.56 -3.12 2.49
N MET A 142 7.52 -3.98 3.51
CA MET A 142 8.19 -5.26 3.43
C MET A 142 7.68 -6.09 2.26
N LYS A 143 6.37 -6.01 1.99
CA LYS A 143 5.82 -6.74 0.85
C LYS A 143 6.48 -6.26 -0.44
N LEU A 144 6.54 -4.94 -0.63
CA LEU A 144 7.22 -4.43 -1.82
C LEU A 144 8.66 -4.95 -1.88
N ARG A 145 9.34 -5.01 -0.74
CA ARG A 145 10.74 -5.41 -0.76
C ARG A 145 10.87 -6.87 -1.22
N PHE A 146 10.07 -7.75 -0.66
CA PHE A 146 10.33 -9.17 -0.80
C PHE A 146 9.59 -9.81 -1.97
N MET A 147 8.44 -9.26 -2.38
CA MET A 147 7.76 -9.78 -3.55
C MET A 147 8.60 -9.59 -4.81
N ARG A 148 9.43 -8.55 -4.84
CA ARG A 148 10.37 -8.32 -5.94
C ARG A 148 11.54 -9.28 -5.90
N LEU A 149 11.60 -10.16 -4.91
CA LEU A 149 12.54 -11.27 -4.88
C LEU A 149 11.85 -12.62 -5.05
N GLY A 150 10.55 -12.62 -5.36
CA GLY A 150 9.80 -13.83 -5.64
C GLY A 150 9.08 -14.44 -4.46
N VAL A 151 8.95 -13.72 -3.35
CA VAL A 151 8.29 -14.28 -2.17
C VAL A 151 6.78 -14.09 -2.30
N VAL A 152 6.03 -15.11 -1.90
CA VAL A 152 4.57 -15.04 -1.84
C VAL A 152 4.21 -14.39 -0.51
N CYS A 153 3.83 -13.12 -0.57
CA CYS A 153 3.59 -12.37 0.65
C CYS A 153 2.38 -11.48 0.48
N GLU A 154 1.78 -11.15 1.61
CA GLU A 154 0.61 -10.30 1.66
C GLU A 154 0.78 -9.40 2.87
N ALA A 155 0.34 -8.15 2.72
CA ALA A 155 0.38 -7.18 3.81
C ALA A 155 -1.06 -6.97 4.30
N LEU A 156 -1.26 -7.17 5.60
CA LEU A 156 -2.53 -6.98 6.29
C LEU A 156 -2.47 -5.81 7.26
N THR A 157 -3.57 -5.07 7.35
CA THR A 157 -3.54 -3.87 8.18
C THR A 157 -4.82 -3.67 8.97
N ASP A 158 -5.54 -4.75 9.28
CA ASP A 158 -6.78 -4.60 10.02
C ASP A 158 -7.06 -5.88 10.78
N GLN A 159 -7.82 -5.77 11.88
CA GLN A 159 -8.14 -6.94 12.71
C GLN A 159 -8.97 -7.96 11.94
N ASP A 160 -9.86 -7.50 11.06
CA ASP A 160 -10.69 -8.42 10.29
C ASP A 160 -9.87 -9.27 9.35
N GLY A 161 -8.87 -8.66 8.68
CA GLY A 161 -7.98 -9.41 7.81
C GLY A 161 -7.14 -10.43 8.55
N PHE A 162 -6.56 -10.05 9.68
CA PHE A 162 -5.79 -11.00 10.48
C PHE A 162 -6.63 -12.23 10.80
N ALA A 163 -7.89 -12.02 11.18
CA ALA A 163 -8.74 -13.15 11.52
C ALA A 163 -9.03 -14.02 10.30
N TRP A 164 -9.32 -13.39 9.16
CA TRP A 164 -9.66 -14.15 7.97
C TRP A 164 -8.45 -14.92 7.44
N THR A 165 -7.24 -14.41 7.65
CA THR A 165 -6.01 -15.03 7.18
C THR A 165 -5.51 -16.12 8.12
N THR A 166 -5.72 -15.94 9.43
CA THR A 166 -5.32 -16.96 10.39
C THR A 166 -6.18 -18.21 10.25
N SER A 167 -7.43 -18.06 9.83
CA SER A 167 -8.33 -19.20 9.69
C SER A 167 -7.94 -20.10 8.53
N ILE A 168 -7.14 -19.62 7.59
CA ILE A 168 -6.67 -20.41 6.46
C ILE A 168 -5.17 -20.69 6.56
N MET A 169 -4.52 -20.28 7.64
CA MET A 169 -3.08 -20.45 7.76
C MET A 169 -2.76 -21.93 7.94
N ASP A 170 -1.58 -22.34 7.49
CA ASP A 170 -1.15 -23.73 7.63
C ASP A 170 0.28 -23.78 8.13
N GLU A 171 0.88 -24.98 8.14
CA GLU A 171 2.22 -25.15 8.68
C GLU A 171 3.30 -24.53 7.80
N ASN A 172 3.06 -24.39 6.49
CA ASN A 172 4.02 -23.81 5.58
C ASN A 172 3.87 -22.30 5.46
N CYS A 173 3.25 -21.67 6.45
CA CYS A 173 3.08 -20.22 6.52
C CYS A 173 3.98 -19.63 7.58
N LEU A 174 4.40 -18.40 7.34
CA LEU A 174 5.17 -17.61 8.29
C LEU A 174 4.49 -16.26 8.41
N VAL A 175 4.21 -15.83 9.64
CA VAL A 175 3.58 -14.53 9.87
C VAL A 175 4.52 -13.69 10.74
N LEU A 176 4.86 -12.50 10.25
CA LEU A 176 5.62 -11.52 11.01
C LEU A 176 4.67 -10.43 11.48
N GLY A 177 4.58 -10.26 12.80
CA GLY A 177 3.70 -9.27 13.40
C GLY A 177 4.50 -8.12 14.01
N PHE A 178 4.01 -6.92 13.78
CA PHE A 178 4.68 -5.70 14.21
C PHE A 178 3.85 -4.98 15.26
N SER A 179 4.37 -4.88 16.47
CA SER A 179 3.71 -4.18 17.58
C SER A 179 4.80 -3.45 18.36
N LEU A 180 5.03 -2.19 18.01
CA LEU A 180 6.11 -1.45 18.65
C LEU A 180 5.92 -1.39 20.17
N SER A 181 4.69 -1.13 20.62
CA SER A 181 4.42 -1.12 22.05
C SER A 181 4.63 -2.50 22.67
N GLY A 182 4.55 -3.56 21.87
CA GLY A 182 4.68 -4.91 22.37
C GLY A 182 3.47 -5.45 23.08
N SER A 183 2.35 -4.71 23.11
CA SER A 183 1.15 -5.14 23.79
C SER A 183 -0.11 -4.95 22.95
N THR A 184 0.02 -4.71 21.64
CA THR A 184 -1.15 -4.53 20.78
C THR A 184 -2.00 -5.80 20.79
N PRO A 185 -3.19 -5.77 21.38
CA PRO A 185 -3.95 -7.03 21.53
C PRO A 185 -4.20 -7.74 20.22
N SER A 186 -4.53 -6.99 19.16
CA SER A 186 -4.86 -7.63 17.89
C SER A 186 -3.66 -8.36 17.29
N ILE A 187 -2.47 -7.72 17.33
CA ILE A 187 -1.29 -8.33 16.72
C ILE A 187 -0.86 -9.55 17.52
N LEU A 188 -0.98 -9.48 18.85
CA LEU A 188 -0.53 -10.59 19.69
C LEU A 188 -1.55 -11.72 19.67
N ASP A 189 -2.84 -11.39 19.83
CA ASP A 189 -3.88 -12.40 19.71
C ASP A 189 -3.78 -13.12 18.37
N SER A 190 -3.54 -12.36 17.30
CA SER A 190 -3.50 -12.94 15.96
C SER A 190 -2.32 -13.87 15.78
N LEU A 191 -1.16 -13.52 16.36
CA LEU A 191 0.00 -14.38 16.20
C LEU A 191 -0.18 -15.70 16.93
N LEU A 192 -0.95 -15.71 18.01
CA LEU A 192 -1.28 -16.98 18.65
C LEU A 192 -2.25 -17.77 17.80
N ASP A 193 -3.16 -17.09 17.09
CA ASP A 193 -4.03 -17.79 16.15
C ASP A 193 -3.21 -18.43 15.04
N ALA A 194 -2.18 -17.73 14.56
CA ALA A 194 -1.31 -18.35 13.57
C ALA A 194 -0.51 -19.49 14.18
N LYS A 195 -0.17 -19.39 15.47
CA LYS A 195 0.58 -20.47 16.11
C LYS A 195 -0.26 -21.75 16.17
N GLU A 196 -1.55 -21.62 16.52
CA GLU A 196 -2.41 -22.79 16.67
C GLU A 196 -2.72 -23.42 15.33
N MET A 197 -2.63 -22.64 14.24
CA MET A 197 -2.89 -23.16 12.90
C MET A 197 -1.66 -23.81 12.29
N GLY A 198 -0.52 -23.79 12.98
CA GLY A 198 0.69 -24.43 12.54
C GLY A 198 1.73 -23.49 11.98
N ALA A 199 1.35 -22.27 11.60
CA ALA A 199 2.31 -21.34 11.03
C ALA A 199 3.28 -20.86 12.10
N LYS A 200 4.49 -20.53 11.66
CA LYS A 200 5.49 -19.94 12.54
C LYS A 200 5.23 -18.44 12.70
N THR A 201 5.63 -17.90 13.85
CA THR A 201 5.31 -16.52 14.18
C THR A 201 6.54 -15.78 14.68
N VAL A 202 6.72 -14.56 14.19
CA VAL A 202 7.80 -13.66 14.62
C VAL A 202 7.17 -12.34 15.05
N LEU A 203 7.52 -11.89 16.25
CA LEU A 203 7.03 -10.63 16.79
C LEU A 203 8.19 -9.64 16.83
N PHE A 204 7.93 -8.43 16.33
CA PHE A 204 8.83 -7.29 16.46
C PHE A 204 8.27 -6.36 17.51
N SER A 205 9.06 -6.06 18.54
CA SER A 205 8.63 -5.18 19.62
C SER A 205 9.85 -4.53 20.26
N SER A 206 9.65 -3.33 20.79
CA SER A 206 10.71 -2.60 21.47
C SER A 206 10.77 -2.87 22.96
N VAL A 207 9.85 -3.66 23.50
CA VAL A 207 9.78 -3.98 24.91
C VAL A 207 9.93 -5.49 25.06
N PRO A 208 10.86 -5.99 25.90
CA PRO A 208 10.98 -7.45 26.05
C PRO A 208 9.73 -8.07 26.64
N ASN A 209 8.91 -8.70 25.79
CA ASN A 209 7.66 -9.32 26.23
C ASN A 209 7.96 -10.64 26.91
N LYS A 210 7.54 -10.79 28.17
CA LYS A 210 7.85 -11.97 28.97
C LYS A 210 6.83 -13.09 28.79
N ASP A 211 5.54 -12.78 28.79
CA ASP A 211 4.54 -13.82 28.65
C ASP A 211 4.52 -14.47 27.27
N SER A 212 5.15 -13.84 26.28
CA SER A 212 5.16 -14.34 24.89
C SER A 212 6.47 -15.04 24.55
N GLN A 213 6.85 -16.00 25.38
CA GLN A 213 7.94 -16.89 25.03
C GLN A 213 7.53 -17.91 23.98
N ALA A 214 6.25 -17.92 23.61
CA ALA A 214 5.74 -18.93 22.69
C ALA A 214 6.19 -18.71 21.25
N TYR A 215 6.05 -17.49 20.73
CA TYR A 215 6.33 -17.22 19.32
C TYR A 215 7.67 -17.82 18.92
N THR A 216 7.72 -18.28 17.66
CA THR A 216 8.96 -18.82 17.14
C THR A 216 10.12 -17.91 17.47
N GLU A 217 9.95 -16.61 17.21
CA GLU A 217 10.96 -15.59 17.46
C GLU A 217 10.30 -14.35 18.02
N THR A 218 10.97 -13.70 18.96
CA THR A 218 10.62 -12.36 19.40
C THR A 218 11.84 -11.48 19.17
N VAL A 219 11.67 -10.43 18.37
CA VAL A 219 12.77 -9.54 18.01
C VAL A 219 12.60 -8.24 18.79
N LEU A 220 13.61 -7.87 19.57
CA LEU A 220 13.63 -6.60 20.27
C LEU A 220 14.08 -5.51 19.30
N VAL A 221 13.27 -4.49 19.13
CA VAL A 221 13.60 -3.37 18.24
C VAL A 221 13.91 -2.15 19.12
N ALA A 222 14.50 -1.15 18.49
CA ALA A 222 14.90 0.05 19.21
C ALA A 222 13.69 0.82 19.73
N THR A 223 13.81 1.34 20.95
CA THR A 223 12.83 2.31 21.46
C THR A 223 13.21 3.71 20.98
N HIS A 224 12.21 4.59 20.92
CA HIS A 224 12.45 5.95 20.50
C HIS A 224 13.15 6.76 21.60
N SER A 225 14.07 7.63 21.21
CA SER A 225 14.84 8.38 22.19
C SER A 225 13.98 9.44 22.88
N GLN A 226 13.08 10.07 22.14
CA GLN A 226 12.22 11.09 22.70
C GLN A 226 11.19 10.49 23.65
N PRO A 227 11.12 10.94 24.91
CA PRO A 227 10.10 10.38 25.82
C PRO A 227 8.68 10.61 25.35
N SER A 228 8.35 11.81 24.92
CA SER A 228 6.97 12.13 24.54
C SER A 228 6.65 11.56 23.17
N TYR A 229 5.43 11.03 23.03
CA TYR A 229 5.02 10.51 21.74
C TYR A 229 5.01 11.60 20.69
N ILE A 230 4.51 12.79 21.05
CA ILE A 230 4.28 13.85 20.08
C ILE A 230 5.57 14.26 19.38
N GLN A 231 6.70 14.24 20.09
CA GLN A 231 7.97 14.71 19.54
C GLN A 231 8.81 13.61 18.92
N ARG A 232 8.34 12.35 18.96
CA ARG A 232 9.14 11.23 18.46
C ARG A 232 9.26 11.33 16.94
N ILE A 233 10.16 10.52 16.37
CA ILE A 233 10.35 10.46 14.92
C ILE A 233 9.43 9.39 14.39
N SER A 234 9.41 9.21 13.07
CA SER A 234 8.54 8.23 12.44
C SER A 234 8.60 6.92 13.20
N ALA A 235 7.42 6.40 13.55
CA ALA A 235 7.32 5.16 14.30
C ALA A 235 7.66 3.95 13.45
N GLN A 236 7.81 4.15 12.14
CA GLN A 236 8.21 3.05 11.26
C GLN A 236 9.68 2.69 11.45
N LEU A 237 10.54 3.69 11.71
CA LEU A 237 11.99 3.52 11.59
C LEU A 237 12.57 2.42 12.47
N PRO A 238 12.16 2.26 13.72
CA PRO A 238 12.67 1.09 14.48
C PRO A 238 12.50 -0.21 13.70
N MET A 239 11.32 -0.43 13.10
CA MET A 239 11.10 -1.68 12.35
C MET A 239 11.88 -1.69 11.05
N LEU A 240 11.97 -0.54 10.38
CA LEU A 240 12.67 -0.49 9.10
C LEU A 240 14.12 -0.91 9.25
N PHE A 241 14.75 -0.60 10.40
CA PHE A 241 16.11 -1.05 10.65
C PHE A 241 16.23 -2.56 10.47
N PHE A 242 15.36 -3.32 11.13
CA PHE A 242 15.42 -4.77 11.09
C PHE A 242 14.92 -5.35 9.78
N ILE A 243 14.02 -4.68 9.09
CA ILE A 243 13.62 -5.16 7.77
C ILE A 243 14.79 -5.09 6.80
N ASP A 244 15.51 -3.97 6.80
CA ASP A 244 16.64 -3.82 5.89
C ASP A 244 17.72 -4.83 6.21
N LEU A 245 17.92 -5.11 7.49
CA LEU A 245 18.90 -6.11 7.89
C LEU A 245 18.49 -7.50 7.43
N ILE A 246 17.25 -7.88 7.74
CA ILE A 246 16.76 -9.19 7.30
C ILE A 246 16.81 -9.29 5.78
N TYR A 247 16.38 -8.23 5.10
CA TYR A 247 16.43 -8.22 3.63
C TYR A 247 17.85 -8.47 3.14
N ALA A 248 18.83 -7.83 3.77
CA ALA A 248 20.21 -8.01 3.34
C ALA A 248 20.63 -9.46 3.50
N TYR A 249 20.26 -10.07 4.65
CA TYR A 249 20.56 -11.48 4.89
C TYR A 249 19.85 -12.37 3.89
N PHE A 250 18.55 -12.13 3.69
CA PHE A 250 17.73 -12.97 2.82
C PHE A 250 18.13 -12.86 1.36
N LEU A 251 18.61 -11.69 0.91
CA LEU A 251 19.00 -11.55 -0.48
C LEU A 251 20.17 -12.46 -0.85
N GLU A 252 21.11 -12.68 0.09
CA GLU A 252 22.27 -13.51 -0.19
C GLU A 252 21.93 -14.99 -0.27
N ILE A 253 20.74 -15.39 0.13
CA ILE A 253 20.31 -16.79 0.04
C ILE A 253 19.70 -17.00 -1.35
N ASN A 254 20.40 -17.76 -2.19
CA ASN A 254 20.00 -18.01 -3.57
C ASN A 254 19.80 -16.70 -4.33
N ARG A 255 20.85 -15.89 -4.32
CA ARG A 255 20.74 -14.54 -4.88
C ARG A 255 20.41 -14.57 -6.37
N GLU A 256 20.98 -15.52 -7.12
CA GLU A 256 20.85 -15.45 -8.58
C GLU A 256 19.39 -15.40 -9.00
N SER A 257 18.58 -16.32 -8.47
CA SER A 257 17.16 -16.34 -8.83
C SER A 257 16.46 -15.10 -8.33
N LYS A 258 16.84 -14.61 -7.14
CA LYS A 258 16.20 -13.43 -6.56
C LYS A 258 16.53 -12.18 -7.37
N GLU A 259 17.78 -12.05 -7.83
CA GLU A 259 18.13 -10.95 -8.71
C GLU A 259 17.42 -11.08 -10.06
N LYS A 260 17.24 -12.31 -10.52
CA LYS A 260 16.54 -12.55 -11.78
C LYS A 260 15.09 -12.09 -11.69
N ILE A 261 14.42 -12.38 -10.57
CA ILE A 261 13.05 -11.92 -10.37
C ILE A 261 13.01 -10.40 -10.25
N PHE A 262 13.94 -9.84 -9.47
CA PHE A 262 13.96 -8.39 -9.27
C PHE A 262 14.21 -7.67 -10.60
N ASN A 263 15.11 -8.21 -11.42
CA ASN A 263 15.44 -7.58 -12.69
C ASN A 263 14.40 -7.87 -13.76
N SER A 264 13.54 -8.86 -13.53
CA SER A 264 12.55 -9.21 -14.55
C SER A 264 11.56 -8.08 -14.77
N TYR A 265 11.33 -7.24 -13.75
CA TYR A 265 10.53 -6.04 -13.96
C TYR A 265 11.09 -5.23 -15.12
N TRP A 266 12.38 -4.92 -15.04
CA TRP A 266 13.00 -4.10 -16.07
C TRP A 266 13.07 -4.85 -17.40
N GLU A 267 13.17 -6.18 -17.35
CA GLU A 267 13.32 -7.01 -18.55
C GLU A 267 12.37 -6.60 -19.68
N ASP B 5 51.11 -6.05 21.07
CA ASP B 5 51.86 -5.54 22.23
C ASP B 5 52.44 -6.72 22.99
N ILE B 6 51.57 -7.49 23.65
CA ILE B 6 52.00 -8.68 24.38
C ILE B 6 52.52 -9.72 23.40
N ALA B 7 52.08 -9.64 22.13
CA ALA B 7 52.59 -10.58 21.14
C ALA B 7 54.02 -10.20 20.75
N THR B 8 54.32 -8.90 20.69
CA THR B 8 55.66 -8.44 20.31
C THR B 8 56.69 -8.80 21.37
N VAL B 9 56.32 -8.66 22.65
CA VAL B 9 57.23 -8.99 23.74
C VAL B 9 57.55 -10.47 23.71
N ILE B 10 56.55 -11.29 23.36
CA ILE B 10 56.74 -12.74 23.26
C ILE B 10 57.79 -13.05 22.19
N ASP B 11 57.62 -12.45 21.00
CA ASP B 11 58.54 -12.74 19.90
C ASP B 11 59.95 -12.30 20.24
N SER B 12 60.10 -11.21 20.99
CA SER B 12 61.42 -10.71 21.35
C SER B 12 62.16 -11.67 22.26
N HIS B 13 61.44 -12.40 23.12
CA HIS B 13 62.05 -13.39 24.01
C HIS B 13 61.88 -14.81 23.51
N PHE B 14 61.20 -15.00 22.36
CA PHE B 14 60.88 -16.33 21.88
C PHE B 14 62.10 -17.21 21.83
N GLU B 15 63.22 -16.68 21.34
CA GLU B 15 64.35 -17.58 21.17
C GLU B 15 64.77 -18.22 22.52
N GLU B 16 64.90 -17.39 23.56
CA GLU B 16 65.49 -17.81 24.85
C GLU B 16 64.71 -18.96 25.47
N MET B 17 63.59 -19.31 24.88
CA MET B 17 62.62 -20.24 25.41
C MET B 17 62.87 -21.65 24.87
N THR B 18 62.65 -22.65 25.73
CA THR B 18 62.81 -24.03 25.30
C THR B 18 61.68 -24.46 24.36
N ASP B 19 61.93 -25.56 23.64
CA ASP B 19 60.98 -26.02 22.63
C ASP B 19 59.58 -26.19 23.21
N LEU B 20 59.47 -26.78 24.41
CA LEU B 20 58.17 -26.95 25.03
C LEU B 20 57.55 -25.62 25.41
N GLU B 21 58.34 -24.75 26.06
CA GLU B 21 57.84 -23.41 26.39
C GLU B 21 57.54 -22.63 25.12
N GLN B 22 58.32 -22.84 24.06
CA GLN B 22 58.04 -22.23 22.77
C GLN B 22 56.67 -22.66 22.25
N GLU B 23 56.28 -23.89 22.54
CA GLU B 23 54.94 -24.37 22.17
C GLU B 23 53.87 -23.59 22.92
N ILE B 24 54.10 -23.28 24.20
CA ILE B 24 53.13 -22.53 24.98
C ILE B 24 52.99 -21.11 24.44
N ALA B 25 54.11 -20.51 24.03
CA ALA B 25 54.02 -19.21 23.38
C ALA B 25 53.18 -19.30 22.11
N ARG B 26 53.37 -20.37 21.34
CA ARG B 26 52.59 -20.56 20.11
C ARG B 26 51.09 -20.61 20.42
N TYR B 27 50.71 -21.37 21.45
CA TYR B 27 49.29 -21.46 21.80
C TYR B 27 48.74 -20.08 22.15
N PHE B 28 49.43 -19.34 23.00
CA PHE B 28 48.87 -18.04 23.42
C PHE B 28 48.93 -17.01 22.31
N LEU B 29 49.81 -17.20 21.32
CA LEU B 29 49.81 -16.32 20.15
C LEU B 29 48.59 -16.57 19.26
N GLN B 30 47.81 -17.60 19.54
CA GLN B 30 46.58 -17.85 18.81
C GLN B 30 45.44 -16.98 19.34
N ALA B 31 44.61 -16.46 18.43
CA ALA B 31 43.46 -15.69 18.85
C ALA B 31 42.39 -16.57 19.48
N GLU B 32 42.26 -17.80 19.00
CA GLU B 32 41.27 -18.73 19.53
C GLU B 32 41.49 -19.02 21.01
N THR B 33 42.71 -18.88 21.51
CA THR B 33 43.01 -19.24 22.89
C THR B 33 42.05 -18.57 23.87
N ILE B 34 41.78 -17.28 23.69
CA ILE B 34 40.95 -16.56 24.66
C ILE B 34 39.59 -17.22 24.83
N GLN B 35 39.02 -17.76 23.75
CA GLN B 35 37.74 -18.49 23.85
C GLN B 35 38.03 -19.89 24.38
N ASP B 36 38.38 -19.94 25.67
CA ASP B 36 38.77 -21.17 26.36
C ASP B 36 38.99 -20.90 27.84
N ASP B 37 38.67 -21.87 28.70
CA ASP B 37 38.96 -21.76 30.13
C ASP B 37 40.47 -21.64 30.32
N LEU B 38 40.93 -20.46 30.74
CA LEU B 38 42.36 -20.17 30.84
C LEU B 38 42.90 -20.33 32.25
N SER B 39 42.20 -21.07 33.11
CA SER B 39 42.76 -21.42 34.40
C SER B 39 43.97 -22.32 34.21
N SER B 40 44.91 -22.26 35.15
CA SER B 40 46.12 -23.07 35.04
C SER B 40 45.77 -24.56 34.93
N GLN B 41 44.71 -25.00 35.64
CA GLN B 41 44.32 -26.39 35.57
C GLN B 41 44.02 -26.81 34.14
N GLN B 42 43.15 -26.05 33.46
CA GLN B 42 42.70 -26.47 32.14
C GLN B 42 43.83 -26.35 31.11
N VAL B 43 44.67 -25.32 31.22
CA VAL B 43 45.75 -25.16 30.25
C VAL B 43 46.73 -26.32 30.35
N THR B 44 47.06 -26.74 31.58
CA THR B 44 47.96 -27.86 31.76
C THR B 44 47.36 -29.14 31.20
N GLN B 45 46.11 -29.43 31.54
CA GLN B 45 45.45 -30.62 31.01
C GLN B 45 45.35 -30.55 29.49
N LYS B 46 45.10 -29.36 28.96
CA LYS B 46 44.85 -29.20 27.53
C LYS B 46 46.10 -29.48 26.71
N LEU B 47 47.20 -28.79 27.02
CA LEU B 47 48.43 -28.94 26.25
C LEU B 47 49.31 -30.08 26.77
N HIS B 48 48.93 -30.71 27.89
CA HIS B 48 49.66 -31.86 28.42
C HIS B 48 51.08 -31.47 28.83
N ILE B 49 51.14 -30.47 29.71
CA ILE B 49 52.37 -29.95 30.27
C ILE B 49 52.20 -29.85 31.77
N SER B 50 53.29 -29.54 32.46
CA SER B 50 53.27 -29.35 33.90
C SER B 50 53.09 -27.86 34.23
N GLN B 51 52.63 -27.61 35.46
CA GLN B 51 52.54 -26.24 35.94
C GLN B 51 53.88 -25.52 35.79
N ALA B 52 54.97 -26.21 36.15
CA ALA B 52 56.29 -25.59 36.12
C ALA B 52 56.62 -25.05 34.73
N ALA B 53 56.27 -25.81 33.69
CA ALA B 53 56.47 -25.30 32.33
C ALA B 53 55.66 -24.04 32.09
N LEU B 54 54.45 -23.97 32.65
CA LEU B 54 53.63 -22.77 32.52
C LEU B 54 54.27 -21.57 33.22
N THR B 55 54.74 -21.77 34.45
CA THR B 55 55.36 -20.66 35.19
C THR B 55 56.62 -20.19 34.50
N ARG B 56 57.44 -21.11 33.99
CA ARG B 56 58.66 -20.71 33.30
C ARG B 56 58.34 -19.94 32.02
N PHE B 57 57.31 -20.33 31.28
CA PHE B 57 56.90 -19.54 30.12
C PHE B 57 56.49 -18.13 30.54
N ALA B 58 55.64 -18.03 31.57
CA ALA B 58 55.12 -16.73 31.98
C ALA B 58 56.25 -15.80 32.41
N LYS B 59 57.25 -16.33 33.11
CA LYS B 59 58.37 -15.49 33.52
C LYS B 59 59.28 -15.17 32.35
N LYS B 60 59.37 -16.06 31.35
CA LYS B 60 60.09 -15.71 30.13
C LYS B 60 59.55 -14.42 29.55
N CYS B 61 58.25 -14.16 29.77
CA CYS B 61 57.54 -13.01 29.22
C CYS B 61 57.63 -11.78 30.13
N GLY B 62 58.36 -11.86 31.24
CA GLY B 62 58.51 -10.73 32.13
C GLY B 62 57.50 -10.63 33.25
N PHE B 63 56.59 -11.60 33.38
CA PHE B 63 55.62 -11.57 34.45
C PHE B 63 56.13 -12.37 35.64
N THR B 64 55.56 -12.09 36.81
CA THR B 64 55.96 -12.82 38.00
C THR B 64 55.55 -14.28 37.93
N GLY B 65 54.45 -14.57 37.23
CA GLY B 65 53.96 -15.94 37.15
C GLY B 65 52.78 -15.99 36.21
N TYR B 66 52.12 -17.16 36.20
CA TYR B 66 50.99 -17.33 35.30
C TYR B 66 49.82 -16.41 35.68
N ARG B 67 49.55 -16.25 36.98
CA ARG B 67 48.41 -15.46 37.40
C ARG B 67 48.51 -14.04 36.85
N GLU B 68 49.65 -13.38 37.05
CA GLU B 68 49.84 -12.04 36.48
C GLU B 68 49.73 -12.08 34.96
N PHE B 69 50.33 -13.11 34.33
CA PHE B 69 50.27 -13.24 32.89
C PHE B 69 48.83 -13.35 32.40
N ILE B 70 48.06 -14.27 32.98
CA ILE B 70 46.69 -14.49 32.53
C ILE B 70 45.79 -13.32 32.92
N PHE B 71 46.07 -12.67 34.04
CA PHE B 71 45.30 -11.50 34.46
C PHE B 71 45.38 -10.43 33.38
N GLN B 72 46.58 -10.21 32.85
CA GLN B 72 46.71 -9.27 31.74
C GLN B 72 46.11 -9.87 30.47
N TYR B 73 46.25 -11.18 30.28
CA TYR B 73 45.72 -11.80 29.07
C TYR B 73 44.25 -11.44 28.90
N GLN B 74 43.49 -11.45 29.99
CA GLN B 74 42.08 -11.06 29.92
C GLN B 74 41.94 -9.56 29.64
N HIS B 75 42.57 -8.73 30.46
CA HIS B 75 42.45 -7.28 30.29
C HIS B 75 42.80 -6.86 28.87
N GLU B 76 43.99 -7.23 28.41
CA GLU B 76 44.38 -6.97 27.02
C GLU B 76 43.24 -7.24 26.05
N ALA B 77 42.67 -8.44 26.12
CA ALA B 77 41.59 -8.80 25.20
C ALA B 77 40.37 -7.92 25.41
N GLU B 78 40.14 -7.45 26.65
CA GLU B 78 39.01 -6.56 26.91
C GLU B 78 39.36 -5.12 26.56
N ASN B 79 40.64 -4.77 26.62
CA ASN B 79 41.08 -3.44 26.21
C ASN B 79 41.07 -3.30 24.70
N GLN B 80 41.10 -4.42 23.97
CA GLN B 80 40.83 -4.52 22.56
C GLN B 80 39.50 -5.25 22.42
N ALA B 81 39.20 -5.76 21.22
CA ALA B 81 37.92 -6.43 21.00
C ALA B 81 36.78 -5.44 21.16
N ASN B 82 36.70 -4.77 22.30
CA ASN B 82 35.79 -3.63 22.35
C ASN B 82 36.23 -2.54 21.37
N GLN B 83 37.49 -2.57 20.94
CA GLN B 83 38.04 -1.68 19.94
C GLN B 83 37.81 -2.21 18.52
N VAL B 84 37.57 -3.51 18.36
CA VAL B 84 37.38 -4.11 17.04
C VAL B 84 35.88 -4.13 16.78
N SER B 85 35.46 -4.69 15.64
CA SER B 85 34.06 -4.74 15.24
C SER B 85 33.55 -6.17 15.38
N LYS B 86 32.28 -6.32 15.79
CA LYS B 86 31.66 -7.62 16.01
C LYS B 86 30.46 -7.79 15.08
N HIS B 87 30.46 -7.07 13.98
CA HIS B 87 29.33 -7.01 13.07
C HIS B 87 29.70 -7.62 11.74
N SER B 88 28.74 -8.32 11.11
CA SER B 88 29.01 -8.95 9.84
C SER B 88 29.17 -7.91 8.73
N PRO B 89 29.77 -8.29 7.60
CA PRO B 89 29.88 -7.34 6.47
C PRO B 89 28.51 -6.84 6.03
N LEU B 90 27.46 -7.63 6.24
CA LEU B 90 26.12 -7.26 5.81
C LEU B 90 25.46 -6.32 6.82
N THR B 91 25.57 -6.65 8.11
CA THR B 91 25.05 -5.75 9.12
C THR B 91 25.70 -4.38 9.02
N LYS B 92 26.96 -4.34 8.57
CA LYS B 92 27.69 -3.08 8.47
C LYS B 92 27.36 -2.32 7.20
N ARG B 93 27.05 -3.02 6.11
CA ARG B 93 26.64 -2.32 4.89
C ARG B 93 25.28 -1.67 5.12
N VAL B 94 24.46 -2.30 5.96
CA VAL B 94 23.15 -1.75 6.30
C VAL B 94 23.32 -0.56 7.22
N LEU B 95 24.14 -0.71 8.26
CA LEU B 95 24.28 0.38 9.21
C LEU B 95 24.92 1.61 8.55
N ARG B 96 25.88 1.39 7.64
CA ARG B 96 26.55 2.52 7.00
C ARG B 96 25.66 3.19 5.98
N SER B 97 24.79 2.44 5.31
CA SER B 97 23.88 3.05 4.35
C SER B 97 22.95 4.02 5.05
N TYR B 98 22.52 3.69 6.27
CA TYR B 98 21.73 4.63 7.06
C TYR B 98 22.58 5.81 7.51
N SER B 99 23.76 5.55 8.08
CA SER B 99 24.63 6.65 8.52
C SER B 99 24.96 7.56 7.35
N ASN B 100 25.30 6.96 6.19
CA ASN B 100 25.61 7.77 5.02
C ASN B 100 24.43 8.68 4.66
N MET B 101 23.21 8.17 4.82
CA MET B 101 22.03 8.95 4.46
C MET B 101 21.75 10.03 5.50
N ARG B 102 22.04 9.75 6.78
CA ARG B 102 21.95 10.81 7.78
C ARG B 102 23.00 11.89 7.55
N GLU B 103 24.22 11.51 7.17
CA GLU B 103 25.22 12.53 6.87
C GLU B 103 24.81 13.38 5.68
N GLN B 104 24.38 12.74 4.59
CA GLN B 104 24.09 13.47 3.36
C GLN B 104 22.89 14.39 3.54
N THR B 105 21.85 13.93 4.25
CA THR B 105 20.70 14.79 4.49
C THR B 105 21.09 16.03 5.28
N GLN B 106 21.90 15.87 6.34
CA GLN B 106 22.35 17.01 7.12
C GLN B 106 23.05 18.05 6.25
N ASP B 107 23.73 17.60 5.20
CA ASP B 107 24.33 18.53 4.26
C ASP B 107 23.27 19.18 3.39
N LEU B 108 22.16 18.49 3.15
CA LEU B 108 21.15 18.98 2.22
C LEU B 108 20.13 19.91 2.87
N ILE B 109 20.07 19.96 4.21
CA ILE B 109 19.02 20.72 4.87
C ILE B 109 19.11 22.19 4.50
N ASP B 110 17.99 22.75 4.05
CA ASP B 110 17.79 24.18 3.89
C ASP B 110 16.78 24.54 4.97
N GLU B 111 17.29 24.91 6.16
CA GLU B 111 16.42 25.00 7.33
C GLU B 111 15.34 26.05 7.15
N VAL B 112 15.67 27.19 6.52
CA VAL B 112 14.65 28.20 6.29
C VAL B 112 13.52 27.63 5.43
N GLN B 113 13.87 26.83 4.42
CA GLN B 113 12.86 26.26 3.55
C GLN B 113 11.92 25.34 4.33
N LEU B 114 12.47 24.52 5.21
CA LEU B 114 11.62 23.59 5.95
C LEU B 114 10.64 24.33 6.85
N GLU B 115 11.08 25.42 7.49
CA GLU B 115 10.14 26.21 8.28
C GLU B 115 9.15 26.94 7.37
N ARG B 116 9.58 27.36 6.18
CA ARG B 116 8.65 27.87 5.18
C ARG B 116 7.56 26.84 4.88
N ILE B 117 7.95 25.58 4.70
CA ILE B 117 6.97 24.54 4.36
C ILE B 117 6.09 24.21 5.55
N ALA B 118 6.66 24.19 6.76
CA ALA B 118 5.84 23.97 7.94
C ALA B 118 4.74 25.04 8.05
N GLN B 119 5.07 26.29 7.71
CA GLN B 119 4.08 27.36 7.77
C GLN B 119 3.04 27.23 6.67
N LEU B 120 3.45 26.79 5.47
CA LEU B 120 2.49 26.60 4.38
C LEU B 120 1.44 25.57 4.77
N ILE B 121 1.87 24.45 5.37
CA ILE B 121 0.92 23.45 5.86
C ILE B 121 0.00 24.07 6.90
N GLU B 122 0.56 24.92 7.77
CA GLU B 122 -0.24 25.58 8.81
C GLU B 122 -1.30 26.48 8.21
N ASP B 123 -0.94 27.23 7.16
CA ASP B 123 -1.86 28.20 6.58
C ASP B 123 -2.83 27.55 5.60
N ALA B 124 -2.55 26.35 5.14
CA ALA B 124 -3.45 25.69 4.22
C ALA B 124 -4.70 25.22 4.94
N GLU B 125 -5.83 25.23 4.21
CA GLU B 125 -7.06 24.67 4.75
C GLU B 125 -7.11 23.17 4.53
N ARG B 126 -6.62 22.72 3.37
CA ARG B 126 -6.57 21.30 3.02
C ARG B 126 -5.18 21.02 2.47
N VAL B 127 -4.60 19.88 2.89
CA VAL B 127 -3.27 19.47 2.47
C VAL B 127 -3.34 18.06 1.89
N TYR B 128 -2.60 17.82 0.82
CA TYR B 128 -2.62 16.51 0.18
C TYR B 128 -1.22 16.02 -0.07
N PHE B 129 -1.01 14.72 0.14
CA PHE B 129 0.28 14.07 0.00
C PHE B 129 0.21 13.03 -1.11
N PHE B 130 0.94 13.26 -2.20
CA PHE B 130 0.92 12.38 -3.35
C PHE B 130 2.20 11.55 -3.42
N GLY B 131 2.04 10.24 -3.62
CA GLY B 131 3.16 9.36 -3.87
C GLY B 131 2.67 7.99 -4.29
N THR B 132 3.52 7.29 -5.02
CA THR B 132 3.25 5.93 -5.44
C THR B 132 4.36 5.01 -4.95
N GLY B 133 4.03 3.72 -4.86
CA GLY B 133 4.99 2.75 -4.36
C GLY B 133 5.42 3.09 -2.94
N SER B 134 6.73 2.97 -2.67
CA SER B 134 7.24 3.25 -1.34
C SER B 134 7.00 4.69 -0.93
N SER B 135 7.01 5.62 -1.90
CA SER B 135 6.75 7.02 -1.61
C SER B 135 5.26 7.30 -1.40
N GLY B 136 4.40 6.35 -1.78
CA GLY B 136 3.01 6.41 -1.39
C GLY B 136 2.76 5.97 0.04
N LEU B 137 3.65 5.14 0.60
CA LEU B 137 3.60 4.83 2.03
C LEU B 137 4.14 5.99 2.85
N VAL B 138 5.15 6.70 2.31
CA VAL B 138 5.60 7.94 2.94
C VAL B 138 4.45 8.93 2.99
N ALA B 139 3.74 9.10 1.87
CA ALA B 139 2.62 10.01 1.86
C ALA B 139 1.54 9.57 2.82
N ARG B 140 1.30 8.26 2.93
CA ARG B 140 0.37 7.78 3.94
C ARG B 140 0.83 8.21 5.32
N GLU B 141 2.12 8.02 5.60
CA GLU B 141 2.65 8.28 6.94
C GLU B 141 2.46 9.74 7.34
N MET B 142 2.71 10.67 6.42
CA MET B 142 2.51 12.09 6.74
C MET B 142 1.07 12.33 7.19
N LYS B 143 0.10 11.76 6.48
CA LYS B 143 -1.30 12.04 6.80
C LYS B 143 -1.64 11.63 8.24
N LEU B 144 -1.17 10.48 8.70
CA LEU B 144 -1.48 10.08 10.07
C LEU B 144 -0.85 11.03 11.07
N ARG B 145 0.40 11.44 10.82
CA ARG B 145 1.14 12.26 11.77
C ARG B 145 0.53 13.64 11.90
N PHE B 146 0.24 14.28 10.77
CA PHE B 146 -0.28 15.64 10.76
C PHE B 146 -1.77 15.70 11.05
N MET B 147 -2.50 14.60 10.81
CA MET B 147 -3.89 14.53 11.22
C MET B 147 -4.00 14.63 12.73
N ARG B 148 -3.07 13.98 13.45
CA ARG B 148 -3.09 14.02 14.91
C ARG B 148 -2.80 15.41 15.45
N LEU B 149 -2.24 16.30 14.64
CA LEU B 149 -2.01 17.69 15.03
C LEU B 149 -3.10 18.63 14.51
N GLY B 150 -4.14 18.10 13.87
CA GLY B 150 -5.29 18.87 13.47
C GLY B 150 -5.32 19.29 12.01
N VAL B 151 -4.30 18.93 11.22
CA VAL B 151 -4.30 19.26 9.80
C VAL B 151 -5.39 18.46 9.09
N VAL B 152 -6.10 19.13 8.18
CA VAL B 152 -7.02 18.44 7.28
C VAL B 152 -6.18 17.98 6.09
N CYS B 153 -5.97 16.68 5.99
CA CYS B 153 -5.08 16.15 4.97
C CYS B 153 -5.58 14.82 4.47
N GLU B 154 -5.11 14.46 3.29
CA GLU B 154 -5.48 13.20 2.64
C GLU B 154 -4.28 12.69 1.89
N ALA B 155 -4.10 11.37 1.91
CA ALA B 155 -3.03 10.69 1.19
C ALA B 155 -3.62 9.99 -0.02
N LEU B 156 -2.99 10.18 -1.18
CA LEU B 156 -3.45 9.58 -2.43
C LEU B 156 -2.30 8.86 -3.11
N THR B 157 -2.58 7.66 -3.63
CA THR B 157 -1.54 6.76 -4.12
C THR B 157 -1.85 6.19 -5.50
N ASP B 158 -2.70 6.85 -6.30
CA ASP B 158 -2.96 6.37 -7.65
C ASP B 158 -3.36 7.51 -8.56
N GLN B 159 -3.29 7.23 -9.87
CA GLN B 159 -3.36 8.29 -10.87
C GLN B 159 -4.78 8.77 -11.03
N ASP B 160 -5.75 7.88 -10.86
CA ASP B 160 -7.13 8.31 -10.90
C ASP B 160 -7.38 9.32 -9.79
N GLY B 161 -6.97 8.99 -8.56
CA GLY B 161 -7.17 9.92 -7.46
C GLY B 161 -6.48 11.25 -7.66
N PHE B 162 -5.27 11.22 -8.25
CA PHE B 162 -4.53 12.46 -8.46
C PHE B 162 -5.33 13.42 -9.34
N ALA B 163 -5.70 12.97 -10.55
CA ALA B 163 -6.47 13.82 -11.45
C ALA B 163 -7.81 14.20 -10.82
N TRP B 164 -8.45 13.23 -10.20
CA TRP B 164 -9.73 13.44 -9.56
C TRP B 164 -9.65 14.54 -8.52
N THR B 165 -8.58 14.57 -7.73
CA THR B 165 -8.48 15.54 -6.65
C THR B 165 -7.95 16.89 -7.15
N THR B 166 -7.06 16.88 -8.14
CA THR B 166 -6.57 18.15 -8.66
C THR B 166 -7.71 19.01 -9.18
N SER B 167 -8.72 18.39 -9.79
CA SER B 167 -9.81 19.15 -10.39
C SER B 167 -10.65 19.91 -9.37
N ILE B 168 -10.51 19.64 -8.07
CA ILE B 168 -11.32 20.30 -7.06
C ILE B 168 -10.48 21.06 -6.03
N MET B 169 -9.21 21.31 -6.31
CA MET B 169 -8.42 22.13 -5.40
C MET B 169 -8.48 23.60 -5.83
N ASP B 170 -8.10 24.48 -4.92
CA ASP B 170 -8.10 25.92 -5.16
C ASP B 170 -6.87 26.53 -4.49
N GLU B 171 -6.91 27.85 -4.31
CA GLU B 171 -5.75 28.57 -3.78
C GLU B 171 -5.50 28.27 -2.31
N ASN B 172 -6.46 27.67 -1.61
CA ASN B 172 -6.31 27.36 -0.20
C ASN B 172 -5.85 25.91 0.04
N CYS B 173 -5.38 25.23 -1.00
CA CYS B 173 -4.89 23.87 -0.90
C CYS B 173 -3.37 23.86 -1.03
N LEU B 174 -2.75 22.84 -0.44
CA LEU B 174 -1.32 22.59 -0.53
C LEU B 174 -1.13 21.11 -0.84
N VAL B 175 -0.34 20.82 -1.86
CA VAL B 175 -0.08 19.45 -2.30
C VAL B 175 1.42 19.19 -2.18
N LEU B 176 1.78 18.11 -1.50
CA LEU B 176 3.17 17.70 -1.33
C LEU B 176 3.40 16.42 -2.13
N GLY B 177 4.22 16.50 -3.16
CA GLY B 177 4.46 15.38 -4.05
C GLY B 177 5.86 14.77 -3.80
N PHE B 178 5.89 13.45 -3.75
CA PHE B 178 7.10 12.69 -3.43
C PHE B 178 7.50 11.85 -4.64
N SER B 179 8.64 12.19 -5.25
CA SER B 179 9.18 11.46 -6.39
C SER B 179 10.68 11.30 -6.18
N LEU B 180 11.10 10.14 -5.68
CA LEU B 180 12.52 9.93 -5.39
C LEU B 180 13.36 10.14 -6.65
N SER B 181 12.92 9.57 -7.77
CA SER B 181 13.66 9.70 -9.01
C SER B 181 13.63 11.12 -9.53
N GLY B 182 12.73 11.96 -9.03
CA GLY B 182 12.53 13.27 -9.65
C GLY B 182 11.96 13.20 -11.05
N SER B 183 11.50 12.02 -11.49
CA SER B 183 10.99 11.78 -12.82
C SER B 183 9.56 11.25 -12.86
N THR B 184 9.16 10.42 -11.88
CA THR B 184 7.82 9.85 -11.77
C THR B 184 6.78 10.77 -12.39
N PRO B 185 6.32 10.45 -13.61
CA PRO B 185 5.49 11.49 -14.32
C PRO B 185 4.15 11.72 -13.67
N SER B 186 3.51 10.64 -13.26
CA SER B 186 2.26 10.71 -12.53
C SER B 186 2.31 11.79 -11.48
N ILE B 187 3.30 11.74 -10.60
CA ILE B 187 3.38 12.73 -9.55
C ILE B 187 3.75 14.10 -10.11
N LEU B 188 4.80 14.16 -10.92
CA LEU B 188 5.27 15.45 -11.38
C LEU B 188 4.19 16.18 -12.15
N ASP B 189 3.51 15.48 -13.06
CA ASP B 189 2.50 16.14 -13.88
C ASP B 189 1.27 16.53 -13.07
N SER B 190 0.99 15.78 -12.01
CA SER B 190 -0.16 16.10 -11.17
C SER B 190 0.11 17.29 -10.26
N LEU B 191 1.38 17.52 -9.89
CA LEU B 191 1.73 18.71 -9.15
C LEU B 191 1.57 19.95 -10.02
N LEU B 192 1.84 19.81 -11.33
CA LEU B 192 1.63 20.92 -12.26
C LEU B 192 0.13 21.22 -12.44
N ASP B 193 -0.71 20.18 -12.45
CA ASP B 193 -2.16 20.39 -12.51
C ASP B 193 -2.63 21.21 -11.30
N ALA B 194 -2.11 20.88 -10.11
CA ALA B 194 -2.52 21.61 -8.91
C ALA B 194 -2.10 23.07 -8.98
N LYS B 195 -0.91 23.36 -9.50
CA LYS B 195 -0.49 24.75 -9.65
C LYS B 195 -1.46 25.50 -10.56
N GLU B 196 -1.85 24.90 -11.69
CA GLU B 196 -2.79 25.55 -12.59
C GLU B 196 -4.11 25.84 -11.88
N MET B 197 -4.47 25.02 -10.89
CA MET B 197 -5.64 25.28 -10.08
C MET B 197 -5.40 26.35 -9.03
N GLY B 198 -4.18 26.85 -8.92
CA GLY B 198 -3.85 27.85 -7.94
C GLY B 198 -3.28 27.31 -6.65
N ALA B 199 -3.20 26.01 -6.49
CA ALA B 199 -2.70 25.43 -5.25
C ALA B 199 -1.18 25.57 -5.20
N LYS B 200 -0.64 25.61 -3.98
CA LYS B 200 0.80 25.63 -3.77
C LYS B 200 1.35 24.22 -3.90
N THR B 201 2.59 24.08 -4.41
CA THR B 201 3.17 22.77 -4.71
C THR B 201 4.59 22.68 -4.16
N VAL B 202 4.88 21.59 -3.47
CA VAL B 202 6.21 21.28 -2.95
C VAL B 202 6.60 19.91 -3.48
N LEU B 203 7.76 19.81 -4.11
CA LEU B 203 8.27 18.55 -4.65
C LEU B 203 9.47 18.09 -3.85
N PHE B 204 9.46 16.83 -3.42
CA PHE B 204 10.59 16.18 -2.80
C PHE B 204 11.26 15.25 -3.81
N SER B 205 12.56 15.43 -4.01
CA SER B 205 13.31 14.59 -4.94
C SER B 205 14.76 14.49 -4.48
N SER B 206 15.34 13.32 -4.72
CA SER B 206 16.76 13.10 -4.51
C SER B 206 17.61 13.53 -5.70
N VAL B 207 16.98 14.10 -6.73
CA VAL B 207 17.62 14.40 -8.00
C VAL B 207 17.56 15.92 -8.16
N PRO B 208 18.65 16.58 -8.50
CA PRO B 208 18.62 18.05 -8.58
C PRO B 208 17.54 18.53 -9.53
N ASN B 209 17.32 19.84 -9.51
CA ASN B 209 16.22 20.36 -10.29
C ASN B 209 16.57 20.44 -11.77
N LYS B 210 15.52 20.45 -12.59
CA LYS B 210 15.59 20.76 -14.03
C LYS B 210 14.36 21.62 -14.28
N ASP B 211 14.49 22.92 -14.02
CA ASP B 211 13.34 23.82 -14.06
C ASP B 211 12.31 23.44 -13.00
N SER B 212 12.77 22.79 -11.93
CA SER B 212 11.87 22.42 -10.85
C SER B 212 11.33 23.65 -10.11
N GLN B 213 11.89 24.83 -10.35
CA GLN B 213 11.43 26.05 -9.71
C GLN B 213 9.98 26.37 -10.03
N ALA B 214 9.36 25.63 -10.97
CA ALA B 214 7.95 25.84 -11.27
C ALA B 214 7.06 25.56 -10.08
N TYR B 215 7.54 24.77 -9.12
CA TYR B 215 6.78 24.42 -7.93
C TYR B 215 7.08 25.45 -6.84
N THR B 216 6.14 25.59 -5.91
CA THR B 216 6.34 26.54 -4.81
C THR B 216 7.68 26.30 -4.14
N GLU B 217 7.97 25.04 -3.83
CA GLU B 217 9.23 24.66 -3.22
C GLU B 217 9.66 23.31 -3.77
N THR B 218 10.96 23.13 -3.92
CA THR B 218 11.54 21.83 -4.24
C THR B 218 12.50 21.48 -3.11
N VAL B 219 12.28 20.34 -2.47
CA VAL B 219 13.13 19.87 -1.40
C VAL B 219 14.02 18.77 -1.94
N LEU B 220 15.34 19.01 -1.92
CA LEU B 220 16.30 17.99 -2.29
C LEU B 220 16.55 17.08 -1.11
N VAL B 221 16.28 15.79 -1.30
CA VAL B 221 16.51 14.78 -0.27
C VAL B 221 17.69 13.91 -0.70
N ALA B 222 18.11 13.02 0.20
CA ALA B 222 19.33 12.27 -0.04
C ALA B 222 19.15 11.18 -1.09
N THR B 223 20.19 10.98 -1.89
CA THR B 223 20.34 9.80 -2.71
C THR B 223 20.85 8.65 -1.86
N HIS B 224 20.65 7.43 -2.33
CA HIS B 224 21.07 6.24 -1.61
C HIS B 224 22.56 5.99 -1.82
N SER B 225 23.17 5.34 -0.82
CA SER B 225 24.60 5.06 -0.88
C SER B 225 24.90 3.89 -1.78
N GLN B 226 24.05 2.87 -1.78
CA GLN B 226 24.29 1.67 -2.57
C GLN B 226 24.05 1.98 -4.04
N PRO B 227 25.00 1.69 -4.93
CA PRO B 227 24.75 1.93 -6.36
C PRO B 227 23.73 0.96 -6.97
N SER B 228 23.66 -0.28 -6.48
CA SER B 228 22.78 -1.29 -7.07
C SER B 228 21.38 -1.18 -6.48
N TYR B 229 20.37 -1.20 -7.35
CA TYR B 229 18.98 -1.05 -6.91
C TYR B 229 18.63 -2.05 -5.82
N ILE B 230 19.06 -3.31 -5.98
CA ILE B 230 18.64 -4.41 -5.13
C ILE B 230 19.22 -4.28 -3.72
N GLN B 231 20.36 -3.62 -3.57
CA GLN B 231 21.07 -3.66 -2.30
C GLN B 231 20.74 -2.49 -1.39
N ARG B 232 19.82 -1.62 -1.79
CA ARG B 232 19.59 -0.40 -1.03
C ARG B 232 18.75 -0.67 0.21
N ILE B 233 18.58 0.39 0.99
CA ILE B 233 17.73 0.36 2.19
C ILE B 233 16.43 1.06 1.80
N SER B 234 15.51 1.18 2.76
CA SER B 234 14.15 1.58 2.40
C SER B 234 14.14 2.83 1.54
N ALA B 235 13.39 2.76 0.44
CA ALA B 235 13.20 3.94 -0.40
C ALA B 235 12.47 5.02 0.34
N GLN B 236 11.74 4.67 1.40
CA GLN B 236 11.02 5.66 2.17
C GLN B 236 11.97 6.58 2.92
N LEU B 237 13.10 6.04 3.39
CA LEU B 237 13.91 6.72 4.39
C LEU B 237 14.40 8.10 4.01
N PRO B 238 14.91 8.35 2.79
CA PRO B 238 15.26 9.73 2.42
C PRO B 238 14.14 10.71 2.71
N MET B 239 12.90 10.37 2.34
CA MET B 239 11.76 11.26 2.57
C MET B 239 11.45 11.39 4.06
N LEU B 240 11.56 10.29 4.81
CA LEU B 240 11.24 10.33 6.23
C LEU B 240 12.12 11.31 6.99
N PHE B 241 13.39 11.49 6.58
CA PHE B 241 14.25 12.47 7.24
C PHE B 241 13.54 13.82 7.30
N PHE B 242 13.07 14.28 6.16
CA PHE B 242 12.55 15.62 6.08
C PHE B 242 11.12 15.72 6.55
N ILE B 243 10.36 14.63 6.48
CA ILE B 243 9.05 14.66 7.10
C ILE B 243 9.19 14.86 8.60
N ASP B 244 10.17 14.18 9.20
CA ASP B 244 10.37 14.32 10.63
C ASP B 244 10.95 15.67 10.99
N LEU B 245 11.71 16.27 10.07
CA LEU B 245 12.18 17.62 10.29
C LEU B 245 11.03 18.62 10.16
N ILE B 246 10.24 18.48 9.10
CA ILE B 246 9.10 19.37 8.91
C ILE B 246 8.13 19.22 10.05
N TYR B 247 7.89 17.96 10.45
CA TYR B 247 7.01 17.71 11.58
C TYR B 247 7.47 18.47 12.81
N ALA B 248 8.80 18.49 13.07
CA ALA B 248 9.32 19.12 14.29
C ALA B 248 9.15 20.64 14.26
N TYR B 249 9.32 21.26 13.10
CA TYR B 249 9.05 22.70 12.96
C TYR B 249 7.57 22.98 13.09
N PHE B 250 6.76 22.21 12.37
CA PHE B 250 5.31 22.42 12.34
C PHE B 250 4.70 22.25 13.73
N LEU B 251 5.20 21.30 14.52
CA LEU B 251 4.61 21.05 15.83
C LEU B 251 4.75 22.27 16.74
N GLU B 252 5.79 23.07 16.54
CA GLU B 252 6.08 24.19 17.42
C GLU B 252 5.26 25.44 17.07
N ILE B 253 4.51 25.42 15.97
CA ILE B 253 3.61 26.50 15.62
C ILE B 253 2.28 26.20 16.30
N ASN B 254 1.95 26.97 17.34
CA ASN B 254 0.71 26.75 18.07
C ASN B 254 0.73 25.37 18.71
N ARG B 255 1.88 25.02 19.28
CA ARG B 255 2.07 23.69 19.88
C ARG B 255 1.01 23.40 20.94
N GLU B 256 0.57 24.43 21.67
CA GLU B 256 -0.37 24.24 22.78
C GLU B 256 -1.72 23.71 22.27
N SER B 257 -2.22 24.27 21.17
CA SER B 257 -3.50 23.81 20.62
C SER B 257 -3.35 22.43 19.98
N LYS B 258 -2.17 22.13 19.41
CA LYS B 258 -1.96 20.87 18.70
C LYS B 258 -1.82 19.70 19.67
N GLU B 259 -1.22 19.94 20.85
CA GLU B 259 -1.12 18.88 21.84
C GLU B 259 -2.49 18.51 22.40
N LYS B 260 -3.38 19.50 22.55
CA LYS B 260 -4.76 19.20 22.89
C LYS B 260 -5.37 18.24 21.88
N ILE B 261 -5.16 18.53 20.60
CA ILE B 261 -5.69 17.67 19.54
C ILE B 261 -5.01 16.31 19.56
N PHE B 262 -3.68 16.31 19.68
CA PHE B 262 -2.96 15.04 19.72
C PHE B 262 -3.42 14.18 20.89
N ASN B 263 -3.74 14.80 22.04
CA ASN B 263 -4.12 14.05 23.22
C ASN B 263 -5.59 13.65 23.26
N SER B 264 -6.46 14.39 22.58
CA SER B 264 -7.90 14.09 22.60
C SER B 264 -8.24 12.72 22.02
N TYR B 265 -7.27 12.01 21.43
CA TYR B 265 -7.44 10.57 21.20
C TYR B 265 -7.71 9.83 22.51
N TRP B 266 -6.84 10.07 23.51
CA TRP B 266 -6.98 9.36 24.78
C TRP B 266 -8.21 9.85 25.56
N GLU B 267 -8.44 11.16 25.56
CA GLU B 267 -9.57 11.73 26.30
C GLU B 267 -10.88 11.19 25.74
N ASN B 268 -11.69 10.60 26.62
CA ASN B 268 -12.96 10.00 26.23
C ASN B 268 -13.97 11.06 25.79
N GLN C 83 -45.72 15.91 -4.82
CA GLN C 83 -45.48 16.76 -5.98
C GLN C 83 -44.79 15.98 -7.09
N VAL C 84 -44.26 14.79 -6.75
CA VAL C 84 -43.58 13.96 -7.73
C VAL C 84 -44.14 12.53 -7.74
N SER C 85 -45.40 12.40 -8.17
CA SER C 85 -46.07 11.11 -8.31
C SER C 85 -45.92 10.23 -7.07
N LYS C 86 -46.10 8.91 -7.24
CA LYS C 86 -45.80 8.00 -6.14
C LYS C 86 -44.32 8.04 -5.81
N HIS C 87 -43.51 7.46 -6.71
CA HIS C 87 -42.11 7.83 -6.75
C HIS C 87 -41.83 8.95 -7.77
N SER C 88 -40.68 9.57 -7.56
CA SER C 88 -40.31 10.65 -8.45
C SER C 88 -39.65 10.14 -9.74
N PRO C 89 -39.45 11.05 -10.71
CA PRO C 89 -38.75 10.63 -11.91
C PRO C 89 -37.34 9.99 -11.63
N LEU C 90 -36.67 10.51 -10.60
CA LEU C 90 -35.32 10.10 -10.28
C LEU C 90 -35.27 8.72 -9.64
N THR C 91 -36.15 8.43 -8.68
CA THR C 91 -36.19 7.10 -8.10
C THR C 91 -36.51 6.04 -9.16
N LYS C 92 -37.48 6.33 -10.04
CA LYS C 92 -37.82 5.37 -11.09
C LYS C 92 -36.63 5.13 -12.01
N ARG C 93 -35.90 6.19 -12.36
CA ARG C 93 -34.75 6.03 -13.25
C ARG C 93 -33.69 5.13 -12.62
N VAL C 94 -33.38 5.35 -11.35
CA VAL C 94 -32.33 4.59 -10.69
C VAL C 94 -32.73 3.11 -10.61
N LEU C 95 -33.97 2.84 -10.19
CA LEU C 95 -34.40 1.45 -10.08
C LEU C 95 -34.60 0.80 -11.45
N ARG C 96 -34.98 1.56 -12.48
CA ARG C 96 -35.04 0.98 -13.82
C ARG C 96 -33.65 0.67 -14.37
N SER C 97 -32.62 1.37 -13.90
CA SER C 97 -31.26 1.01 -14.28
C SER C 97 -30.85 -0.29 -13.62
N TYR C 98 -31.23 -0.48 -12.34
CA TYR C 98 -30.90 -1.72 -11.66
C TYR C 98 -31.65 -2.90 -12.25
N SER C 99 -32.94 -2.73 -12.52
CA SER C 99 -33.70 -3.83 -13.12
C SER C 99 -33.17 -4.18 -14.49
N ASN C 100 -32.83 -3.18 -15.29
CA ASN C 100 -32.31 -3.46 -16.63
C ASN C 100 -30.96 -4.16 -16.54
N MET C 101 -30.13 -3.79 -15.56
CA MET C 101 -28.87 -4.52 -15.36
C MET C 101 -29.16 -5.98 -15.09
N ARG C 102 -30.14 -6.28 -14.23
CA ARG C 102 -30.52 -7.66 -13.97
C ARG C 102 -31.04 -8.34 -15.23
N GLU C 103 -31.85 -7.63 -16.03
CA GLU C 103 -32.36 -8.23 -17.27
C GLU C 103 -31.23 -8.56 -18.23
N GLN C 104 -30.36 -7.59 -18.49
CA GLN C 104 -29.23 -7.83 -19.39
C GLN C 104 -28.31 -8.91 -18.82
N THR C 105 -28.10 -8.90 -17.50
CA THR C 105 -27.25 -9.91 -16.89
C THR C 105 -27.84 -11.30 -17.08
N GLN C 106 -29.15 -11.45 -16.86
CA GLN C 106 -29.78 -12.76 -17.01
C GLN C 106 -29.61 -13.27 -18.44
N ASP C 107 -29.85 -12.41 -19.41
CA ASP C 107 -29.75 -12.83 -20.80
C ASP C 107 -28.34 -13.31 -21.14
N LEU C 108 -27.32 -12.62 -20.61
CA LEU C 108 -25.94 -12.89 -21.02
C LEU C 108 -25.35 -14.11 -20.33
N ILE C 109 -25.93 -14.57 -19.23
CA ILE C 109 -25.31 -15.63 -18.44
C ILE C 109 -24.94 -16.80 -19.33
N ASP C 110 -23.75 -17.35 -19.10
CA ASP C 110 -23.27 -18.58 -19.71
C ASP C 110 -23.03 -19.56 -18.56
N GLU C 111 -24.05 -20.36 -18.22
CA GLU C 111 -24.01 -21.15 -17.00
C GLU C 111 -22.77 -22.04 -16.94
N VAL C 112 -22.47 -22.76 -18.04
CA VAL C 112 -21.33 -23.66 -18.02
C VAL C 112 -20.03 -22.88 -17.81
N GLN C 113 -19.93 -21.70 -18.44
CA GLN C 113 -18.74 -20.88 -18.24
C GLN C 113 -18.58 -20.52 -16.77
N LEU C 114 -19.65 -20.12 -16.11
CA LEU C 114 -19.56 -19.74 -14.70
C LEU C 114 -19.13 -20.91 -13.83
N GLU C 115 -19.67 -22.10 -14.10
CA GLU C 115 -19.23 -23.29 -13.36
C GLU C 115 -17.79 -23.63 -13.70
N ARG C 116 -17.34 -23.31 -14.91
CA ARG C 116 -15.94 -23.52 -15.26
C ARG C 116 -15.04 -22.61 -14.45
N ILE C 117 -15.39 -21.33 -14.37
CA ILE C 117 -14.58 -20.41 -13.58
C ILE C 117 -14.61 -20.83 -12.12
N ALA C 118 -15.77 -21.24 -11.62
CA ALA C 118 -15.80 -21.73 -10.24
C ALA C 118 -14.78 -22.84 -10.05
N GLN C 119 -14.76 -23.80 -10.97
CA GLN C 119 -13.81 -24.91 -10.87
C GLN C 119 -12.38 -24.39 -10.93
N LEU C 120 -12.09 -23.51 -11.88
CA LEU C 120 -10.73 -22.97 -12.00
C LEU C 120 -10.26 -22.40 -10.68
N ILE C 121 -11.11 -21.60 -10.03
CA ILE C 121 -10.72 -20.98 -8.77
C ILE C 121 -10.31 -22.04 -7.76
N GLU C 122 -11.08 -23.14 -7.70
CA GLU C 122 -10.70 -24.25 -6.84
C GLU C 122 -9.37 -24.87 -7.27
N ASP C 123 -9.18 -25.02 -8.58
CA ASP C 123 -7.99 -25.74 -9.06
C ASP C 123 -6.71 -24.95 -8.80
N ALA C 124 -6.79 -23.62 -8.91
CA ALA C 124 -5.62 -22.79 -8.68
C ALA C 124 -5.13 -22.99 -7.25
N GLU C 125 -3.82 -22.85 -7.06
CA GLU C 125 -3.25 -22.76 -5.72
C GLU C 125 -3.26 -21.33 -5.18
N ARG C 126 -3.09 -20.34 -6.06
CA ARG C 126 -3.13 -18.94 -5.70
C ARG C 126 -4.02 -18.21 -6.71
N VAL C 127 -4.92 -17.36 -6.22
CA VAL C 127 -5.85 -16.60 -7.05
C VAL C 127 -5.64 -15.12 -6.82
N TYR C 128 -5.67 -14.34 -7.90
CA TYR C 128 -5.40 -12.91 -7.87
C TYR C 128 -6.52 -12.15 -8.56
N PHE C 129 -6.81 -10.95 -8.05
CA PHE C 129 -7.90 -10.12 -8.56
C PHE C 129 -7.39 -8.73 -8.90
N PHE C 130 -7.45 -8.36 -10.18
CA PHE C 130 -6.89 -7.11 -10.67
C PHE C 130 -8.02 -6.17 -11.05
N GLY C 131 -7.98 -4.94 -10.52
CA GLY C 131 -8.97 -3.94 -10.85
C GLY C 131 -8.46 -2.54 -10.58
N THR C 132 -8.95 -1.59 -11.39
CA THR C 132 -8.63 -0.17 -11.26
C THR C 132 -9.91 0.60 -11.01
N GLY C 133 -9.82 1.61 -10.13
CA GLY C 133 -10.97 2.45 -9.84
C GLY C 133 -12.08 1.65 -9.19
N SER C 134 -13.30 1.77 -9.74
CA SER C 134 -14.42 1.02 -9.20
C SER C 134 -14.23 -0.48 -9.38
N SER C 135 -13.64 -0.90 -10.51
CA SER C 135 -13.30 -2.31 -10.68
C SER C 135 -12.36 -2.78 -9.57
N GLY C 136 -11.55 -1.87 -9.03
CA GLY C 136 -10.68 -2.23 -7.92
C GLY C 136 -11.47 -2.62 -6.68
N LEU C 137 -12.55 -1.88 -6.39
CA LEU C 137 -13.38 -2.24 -5.26
C LEU C 137 -14.02 -3.60 -5.45
N VAL C 138 -14.42 -3.91 -6.68
CA VAL C 138 -14.91 -5.25 -7.00
C VAL C 138 -13.84 -6.31 -6.71
N ALA C 139 -12.59 -6.05 -7.11
CA ALA C 139 -11.52 -6.99 -6.82
C ALA C 139 -11.32 -7.18 -5.32
N ARG C 140 -11.37 -6.09 -4.54
CA ARG C 140 -11.22 -6.21 -3.09
C ARG C 140 -12.35 -7.04 -2.49
N GLU C 141 -13.59 -6.85 -2.95
CA GLU C 141 -14.69 -7.67 -2.44
C GLU C 141 -14.47 -9.14 -2.77
N MET C 142 -14.11 -9.44 -4.01
CA MET C 142 -13.89 -10.83 -4.36
C MET C 142 -12.81 -11.46 -3.48
N LYS C 143 -11.74 -10.73 -3.20
CA LYS C 143 -10.72 -11.18 -2.27
C LYS C 143 -11.36 -11.43 -0.92
N LEU C 144 -12.15 -10.48 -0.43
CA LEU C 144 -12.76 -10.66 0.88
C LEU C 144 -13.58 -11.93 0.93
N ARG C 145 -14.48 -12.14 -0.04
CA ARG C 145 -15.45 -13.23 0.02
C ARG C 145 -14.80 -14.59 -0.14
N PHE C 146 -13.92 -14.75 -1.14
CA PHE C 146 -13.30 -16.03 -1.41
C PHE C 146 -12.25 -16.38 -0.39
N MET C 147 -11.76 -15.41 0.37
CA MET C 147 -10.83 -15.72 1.45
C MET C 147 -11.52 -16.47 2.58
N ARG C 148 -12.76 -16.08 2.89
CA ARG C 148 -13.51 -16.70 3.98
C ARG C 148 -13.93 -18.11 3.63
N LEU C 149 -13.82 -18.50 2.36
CA LEU C 149 -14.13 -19.85 1.90
C LEU C 149 -12.89 -20.72 1.78
N GLY C 150 -11.71 -20.18 2.04
CA GLY C 150 -10.46 -20.93 2.01
C GLY C 150 -9.54 -20.57 0.86
N VAL C 151 -10.03 -19.89 -0.18
CA VAL C 151 -9.16 -19.55 -1.29
C VAL C 151 -8.07 -18.61 -0.82
N VAL C 152 -6.83 -18.94 -1.15
CA VAL C 152 -5.68 -18.06 -0.94
C VAL C 152 -5.69 -17.02 -2.07
N CYS C 153 -6.03 -15.77 -1.74
CA CYS C 153 -6.31 -14.74 -2.72
C CYS C 153 -5.56 -13.46 -2.38
N GLU C 154 -5.46 -12.59 -3.38
CA GLU C 154 -4.86 -11.28 -3.20
C GLU C 154 -5.44 -10.34 -4.24
N ALA C 155 -5.85 -9.16 -3.80
CA ALA C 155 -6.43 -8.15 -4.69
C ALA C 155 -5.41 -7.04 -4.91
N LEU C 156 -5.33 -6.56 -6.15
CA LEU C 156 -4.34 -5.57 -6.53
C LEU C 156 -5.00 -4.40 -7.27
N THR C 157 -4.69 -3.18 -6.84
CA THR C 157 -5.29 -1.97 -7.41
C THR C 157 -4.31 -1.08 -8.17
N ASP C 158 -3.02 -1.21 -7.92
CA ASP C 158 -2.00 -0.35 -8.52
C ASP C 158 -1.21 -1.15 -9.54
N GLN C 159 -0.91 -0.52 -10.67
CA GLN C 159 -0.27 -1.24 -11.77
C GLN C 159 1.17 -1.64 -11.42
N ASP C 160 1.84 -0.87 -10.58
CA ASP C 160 3.17 -1.30 -10.11
C ASP C 160 3.06 -2.66 -9.44
N GLY C 161 2.04 -2.85 -8.60
CA GLY C 161 1.80 -4.16 -8.03
C GLY C 161 1.46 -5.21 -9.07
N PHE C 162 0.79 -4.81 -10.16
CA PHE C 162 0.53 -5.75 -11.24
C PHE C 162 1.83 -6.33 -11.77
N ALA C 163 2.83 -5.47 -12.00
CA ALA C 163 4.11 -5.94 -12.51
C ALA C 163 4.83 -6.81 -11.49
N TRP C 164 4.84 -6.39 -10.21
CA TRP C 164 5.55 -7.18 -9.20
C TRP C 164 4.95 -8.58 -9.10
N THR C 165 3.62 -8.69 -9.13
CA THR C 165 2.98 -10.01 -9.00
C THR C 165 3.13 -10.83 -10.27
N THR C 166 3.03 -10.20 -11.44
CA THR C 166 3.17 -10.93 -12.70
C THR C 166 4.52 -11.63 -12.78
N SER C 167 5.58 -10.97 -12.29
CA SER C 167 6.91 -11.55 -12.35
C SER C 167 7.06 -12.79 -11.48
N ILE C 168 6.11 -13.07 -10.58
CA ILE C 168 6.21 -14.20 -9.68
C ILE C 168 5.07 -15.20 -9.88
N MET C 169 4.27 -15.04 -10.92
CA MET C 169 3.17 -15.97 -11.15
C MET C 169 3.66 -17.14 -11.98
N ASP C 170 3.00 -18.28 -11.80
CA ASP C 170 3.41 -19.54 -12.42
C ASP C 170 2.17 -20.26 -12.96
N GLU C 171 2.33 -21.54 -13.28
CA GLU C 171 1.28 -22.30 -13.93
C GLU C 171 0.06 -22.54 -13.03
N ASN C 172 0.24 -22.45 -11.72
CA ASN C 172 -0.82 -22.75 -10.76
C ASN C 172 -1.47 -21.48 -10.20
N CYS C 173 -1.33 -20.38 -10.92
CA CYS C 173 -1.95 -19.12 -10.55
C CYS C 173 -3.09 -18.84 -11.52
N LEU C 174 -4.17 -18.29 -10.98
CA LEU C 174 -5.32 -17.85 -11.76
C LEU C 174 -5.55 -16.37 -11.48
N VAL C 175 -5.70 -15.58 -12.54
CA VAL C 175 -5.86 -14.14 -12.44
C VAL C 175 -7.20 -13.75 -13.03
N LEU C 176 -7.98 -12.97 -12.27
CA LEU C 176 -9.25 -12.41 -12.73
C LEU C 176 -9.05 -10.91 -12.87
N GLY C 177 -9.06 -10.42 -14.10
CA GLY C 177 -8.96 -8.99 -14.38
C GLY C 177 -10.32 -8.41 -14.68
N PHE C 178 -10.59 -7.22 -14.11
CA PHE C 178 -11.88 -6.55 -14.25
C PHE C 178 -11.70 -5.23 -15.00
N SER C 179 -12.19 -5.17 -16.23
CA SER C 179 -12.12 -3.97 -17.05
C SER C 179 -13.49 -3.77 -17.70
N LEU C 180 -14.32 -2.92 -17.09
CA LEU C 180 -15.65 -2.69 -17.65
C LEU C 180 -15.56 -2.23 -19.10
N SER C 181 -14.60 -1.37 -19.41
CA SER C 181 -14.48 -0.84 -20.77
C SER C 181 -13.92 -1.88 -21.74
N GLY C 182 -13.11 -2.81 -21.25
CA GLY C 182 -12.39 -3.72 -22.12
C GLY C 182 -11.18 -3.13 -22.80
N SER C 183 -10.80 -1.89 -22.45
CA SER C 183 -9.65 -1.25 -23.05
C SER C 183 -8.77 -0.54 -22.02
N THR C 184 -9.03 -0.72 -20.73
CA THR C 184 -8.13 -0.21 -19.69
C THR C 184 -6.78 -0.90 -19.88
N PRO C 185 -5.76 -0.20 -20.37
CA PRO C 185 -4.51 -0.88 -20.73
C PRO C 185 -3.94 -1.73 -19.60
N SER C 186 -3.69 -1.12 -18.45
CA SER C 186 -3.04 -1.83 -17.34
C SER C 186 -3.55 -3.25 -17.17
N ILE C 187 -4.87 -3.43 -17.15
CA ILE C 187 -5.43 -4.76 -16.90
C ILE C 187 -5.14 -5.68 -18.08
N LEU C 188 -5.33 -5.19 -19.31
CA LEU C 188 -5.11 -6.03 -20.49
C LEU C 188 -3.67 -6.51 -20.57
N ASP C 189 -2.70 -5.58 -20.42
CA ASP C 189 -1.30 -5.98 -20.48
C ASP C 189 -0.91 -6.85 -19.30
N SER C 190 -1.50 -6.60 -18.13
CA SER C 190 -1.21 -7.45 -16.97
C SER C 190 -1.68 -8.87 -17.21
N LEU C 191 -2.87 -9.05 -17.77
CA LEU C 191 -3.37 -10.39 -18.05
C LEU C 191 -2.53 -11.08 -19.12
N LEU C 192 -2.11 -10.32 -20.15
CA LEU C 192 -1.18 -10.89 -21.11
C LEU C 192 0.09 -11.36 -20.42
N ASP C 193 0.66 -10.51 -19.55
CA ASP C 193 1.86 -10.88 -18.81
C ASP C 193 1.62 -12.13 -17.99
N ALA C 194 0.47 -12.24 -17.33
CA ALA C 194 0.15 -13.42 -16.54
C ALA C 194 0.07 -14.66 -17.42
N LYS C 195 -0.48 -14.52 -18.62
CA LYS C 195 -0.53 -15.65 -19.54
C LYS C 195 0.88 -16.08 -19.95
N GLU C 196 1.77 -15.11 -20.19
CA GLU C 196 3.16 -15.42 -20.53
C GLU C 196 3.82 -16.25 -19.43
N MET C 197 3.47 -16.01 -18.17
CA MET C 197 3.99 -16.81 -17.07
C MET C 197 3.27 -18.14 -16.89
N GLY C 198 2.29 -18.43 -17.74
CA GLY C 198 1.57 -19.69 -17.68
C GLY C 198 0.36 -19.71 -16.80
N ALA C 199 -0.22 -18.56 -16.49
CA ALA C 199 -1.35 -18.49 -15.58
C ALA C 199 -2.66 -18.42 -16.34
N LYS C 200 -3.69 -19.05 -15.75
CA LYS C 200 -5.04 -18.90 -16.26
C LYS C 200 -5.49 -17.45 -16.11
N THR C 201 -6.22 -16.97 -17.12
CA THR C 201 -6.58 -15.55 -17.20
C THR C 201 -8.06 -15.43 -17.57
N VAL C 202 -8.78 -14.58 -16.84
CA VAL C 202 -10.19 -14.32 -17.06
C VAL C 202 -10.42 -12.82 -17.11
N LEU C 203 -11.04 -12.34 -18.18
CA LEU C 203 -11.33 -10.93 -18.38
C LEU C 203 -12.83 -10.67 -18.28
N PHE C 204 -13.23 -9.74 -17.42
CA PHE C 204 -14.60 -9.26 -17.35
C PHE C 204 -14.70 -7.96 -18.12
N SER C 205 -15.70 -7.84 -18.97
CA SER C 205 -15.81 -6.67 -19.83
C SER C 205 -17.23 -6.55 -20.37
N SER C 206 -17.74 -5.32 -20.40
CA SER C 206 -19.01 -5.03 -21.05
C SER C 206 -18.88 -4.96 -22.57
N VAL C 207 -17.65 -4.88 -23.08
CA VAL C 207 -17.37 -4.87 -24.51
C VAL C 207 -16.79 -6.23 -24.89
N PRO C 208 -17.27 -6.86 -25.97
CA PRO C 208 -16.61 -8.10 -26.43
C PRO C 208 -15.21 -7.82 -26.96
N ASN C 209 -14.19 -8.20 -26.21
CA ASN C 209 -12.82 -7.97 -26.63
C ASN C 209 -12.55 -8.69 -27.95
N LYS C 210 -11.85 -8.01 -28.85
CA LYS C 210 -11.49 -8.64 -30.13
C LYS C 210 -10.59 -9.83 -29.91
N ASP C 211 -9.62 -9.73 -28.98
CA ASP C 211 -8.74 -10.82 -28.63
C ASP C 211 -9.45 -11.76 -27.67
N SER C 212 -10.63 -12.26 -28.08
CA SER C 212 -11.47 -13.05 -27.17
C SER C 212 -10.76 -14.34 -26.75
N GLN C 213 -10.12 -15.02 -27.69
CA GLN C 213 -9.43 -16.27 -27.38
C GLN C 213 -8.15 -16.05 -26.59
N ALA C 214 -7.71 -14.80 -26.42
CA ALA C 214 -6.41 -14.55 -25.80
C ALA C 214 -6.32 -15.16 -24.41
N TYR C 215 -7.35 -14.96 -23.59
CA TYR C 215 -7.40 -15.49 -22.24
C TYR C 215 -8.23 -16.75 -22.22
N THR C 216 -8.00 -17.57 -21.20
CA THR C 216 -8.74 -18.83 -21.10
C THR C 216 -10.24 -18.59 -21.15
N GLU C 217 -10.70 -17.49 -20.58
CA GLU C 217 -12.11 -17.14 -20.55
C GLU C 217 -12.25 -15.63 -20.67
N THR C 218 -13.27 -15.19 -21.40
CA THR C 218 -13.62 -13.78 -21.57
C THR C 218 -15.10 -13.65 -21.24
N VAL C 219 -15.41 -13.11 -20.08
CA VAL C 219 -16.79 -13.01 -19.63
C VAL C 219 -17.38 -11.69 -20.08
N LEU C 220 -18.64 -11.75 -20.54
CA LEU C 220 -19.39 -10.58 -20.97
C LEU C 220 -20.33 -10.16 -19.85
N VAL C 221 -20.21 -8.90 -19.43
CA VAL C 221 -21.00 -8.37 -18.34
C VAL C 221 -22.01 -7.36 -18.90
N ALA C 222 -22.96 -6.98 -18.07
CA ALA C 222 -24.02 -6.07 -18.50
C ALA C 222 -23.46 -4.68 -18.82
N THR C 223 -24.05 -4.05 -19.82
CA THR C 223 -23.81 -2.66 -20.11
C THR C 223 -24.82 -1.78 -19.39
N HIS C 224 -24.36 -0.60 -18.96
CA HIS C 224 -25.20 0.29 -18.19
C HIS C 224 -26.38 0.80 -19.02
N SER C 225 -27.54 0.92 -18.39
CA SER C 225 -28.71 1.41 -19.10
C SER C 225 -28.54 2.87 -19.52
N GLN C 226 -28.10 3.72 -18.59
CA GLN C 226 -27.99 5.14 -18.88
C GLN C 226 -26.88 5.39 -19.90
N PRO C 227 -27.11 6.27 -20.87
CA PRO C 227 -26.05 6.56 -21.84
C PRO C 227 -24.95 7.46 -21.28
N SER C 228 -25.35 8.49 -20.53
CA SER C 228 -24.40 9.49 -20.04
C SER C 228 -23.62 8.97 -18.83
N TYR C 229 -22.29 9.11 -18.89
CA TYR C 229 -21.45 8.58 -17.81
C TYR C 229 -21.88 9.11 -16.45
N ILE C 230 -22.19 10.42 -16.39
CA ILE C 230 -22.45 11.05 -15.10
C ILE C 230 -23.70 10.48 -14.46
N GLN C 231 -24.70 10.10 -15.26
CA GLN C 231 -25.99 9.66 -14.73
C GLN C 231 -26.05 8.16 -14.47
N ARG C 232 -24.99 7.43 -14.79
CA ARG C 232 -25.00 5.99 -14.62
C ARG C 232 -25.04 5.61 -13.14
N ILE C 233 -25.61 4.44 -12.87
CA ILE C 233 -25.55 3.84 -11.54
C ILE C 233 -24.14 3.29 -11.34
N SER C 234 -23.90 2.68 -10.18
CA SER C 234 -22.56 2.27 -9.79
C SER C 234 -21.91 1.42 -10.88
N ALA C 235 -20.67 1.79 -11.23
CA ALA C 235 -19.90 0.99 -12.18
C ALA C 235 -19.53 -0.38 -11.63
N GLN C 236 -19.57 -0.55 -10.30
CA GLN C 236 -19.30 -1.86 -9.72
C GLN C 236 -20.29 -2.90 -10.23
N LEU C 237 -21.58 -2.54 -10.31
CA LEU C 237 -22.67 -3.52 -10.32
C LEU C 237 -22.56 -4.58 -11.40
N PRO C 238 -22.24 -4.26 -12.66
CA PRO C 238 -22.17 -5.32 -13.67
C PRO C 238 -21.32 -6.49 -13.24
N MET C 239 -20.22 -6.24 -12.51
CA MET C 239 -19.34 -7.31 -12.05
C MET C 239 -19.88 -7.99 -10.79
N LEU C 240 -20.56 -7.25 -9.93
CA LEU C 240 -21.07 -7.85 -8.69
C LEU C 240 -22.03 -8.99 -9.02
N PHE C 241 -22.81 -8.82 -10.09
CA PHE C 241 -23.71 -9.86 -10.56
C PHE C 241 -22.93 -11.17 -10.78
N PHE C 242 -21.98 -11.15 -11.71
CA PHE C 242 -21.28 -12.37 -12.08
C PHE C 242 -20.38 -12.88 -10.96
N ILE C 243 -19.94 -12.02 -10.06
CA ILE C 243 -19.13 -12.49 -8.93
C ILE C 243 -19.97 -13.34 -8.01
N ASP C 244 -21.20 -12.90 -7.76
CA ASP C 244 -22.09 -13.66 -6.89
C ASP C 244 -22.55 -14.94 -7.54
N LEU C 245 -22.70 -14.93 -8.87
CA LEU C 245 -23.00 -16.17 -9.58
C LEU C 245 -21.86 -17.16 -9.44
N ILE C 246 -20.64 -16.72 -9.71
CA ILE C 246 -19.48 -17.59 -9.55
C ILE C 246 -19.33 -17.99 -8.09
N TYR C 247 -19.62 -17.07 -7.18
CA TYR C 247 -19.54 -17.41 -5.76
C TYR C 247 -20.54 -18.50 -5.40
N ALA C 248 -21.75 -18.40 -5.94
CA ALA C 248 -22.79 -19.38 -5.62
C ALA C 248 -22.45 -20.76 -6.19
N TYR C 249 -21.87 -20.80 -7.39
CA TYR C 249 -21.42 -22.06 -7.96
C TYR C 249 -20.20 -22.59 -7.21
N PHE C 250 -19.19 -21.74 -7.03
CA PHE C 250 -17.95 -22.18 -6.40
C PHE C 250 -18.16 -22.59 -4.95
N LEU C 251 -19.17 -22.03 -4.30
CA LEU C 251 -19.44 -22.43 -2.92
C LEU C 251 -19.87 -23.90 -2.85
N GLU C 252 -20.60 -24.38 -3.86
CA GLU C 252 -21.12 -25.75 -3.82
C GLU C 252 -20.04 -26.81 -4.04
N ILE C 253 -18.91 -26.43 -4.65
CA ILE C 253 -17.79 -27.35 -4.82
C ILE C 253 -17.14 -27.54 -3.45
N ASN C 254 -17.25 -28.73 -2.89
CA ASN C 254 -16.72 -29.04 -1.56
C ASN C 254 -17.30 -28.10 -0.50
N ARG C 255 -18.64 -28.02 -0.48
CA ARG C 255 -19.29 -27.04 0.37
C ARG C 255 -18.94 -27.22 1.84
N GLU C 256 -18.96 -28.46 2.32
CA GLU C 256 -18.88 -28.67 3.77
C GLU C 256 -17.59 -28.11 4.35
N SER C 257 -16.46 -28.37 3.67
CA SER C 257 -15.18 -27.88 4.18
C SER C 257 -15.12 -26.36 4.19
N LYS C 258 -15.60 -25.73 3.11
CA LYS C 258 -15.60 -24.27 3.05
C LYS C 258 -16.50 -23.68 4.14
N GLU C 259 -17.62 -24.34 4.43
CA GLU C 259 -18.49 -23.84 5.48
C GLU C 259 -17.80 -23.90 6.84
N LYS C 260 -17.02 -24.96 7.09
CA LYS C 260 -16.24 -25.04 8.33
C LYS C 260 -15.25 -23.89 8.40
N ILE C 261 -14.57 -23.59 7.29
CA ILE C 261 -13.65 -22.45 7.26
C ILE C 261 -14.39 -21.15 7.54
N PHE C 262 -15.56 -20.98 6.92
CA PHE C 262 -16.36 -19.78 7.14
C PHE C 262 -16.71 -19.62 8.61
N ASN C 263 -17.13 -20.69 9.26
CA ASN C 263 -17.58 -20.62 10.64
C ASN C 263 -16.44 -20.59 11.66
N SER C 264 -15.21 -20.87 11.24
CA SER C 264 -14.07 -20.77 12.16
C SER C 264 -13.89 -19.34 12.67
N TYR C 265 -14.46 -18.36 11.99
CA TYR C 265 -14.42 -16.98 12.47
C TYR C 265 -15.07 -16.88 13.85
N TRP C 266 -16.25 -17.47 14.01
CA TRP C 266 -17.00 -17.38 15.27
C TRP C 266 -16.50 -18.40 16.27
N PRO D 4 -55.92 -24.65 -34.86
CA PRO D 4 -55.76 -24.12 -36.21
C PRO D 4 -54.59 -23.12 -36.30
N ASP D 5 -53.92 -23.01 -37.45
CA ASP D 5 -52.78 -22.12 -37.56
C ASP D 5 -53.28 -20.67 -37.54
N ILE D 6 -52.35 -19.73 -37.56
CA ILE D 6 -52.70 -18.32 -37.57
C ILE D 6 -53.02 -17.81 -38.97
N ALA D 7 -52.59 -18.49 -40.02
CA ALA D 7 -52.90 -18.06 -41.37
C ALA D 7 -54.31 -18.46 -41.79
N THR D 8 -54.85 -19.55 -41.24
CA THR D 8 -56.22 -19.95 -41.55
C THR D 8 -57.22 -19.03 -40.87
N VAL D 9 -56.88 -18.52 -39.68
CA VAL D 9 -57.76 -17.57 -39.00
C VAL D 9 -57.71 -16.21 -39.69
N ILE D 10 -56.52 -15.79 -40.13
CA ILE D 10 -56.43 -14.55 -40.90
C ILE D 10 -57.25 -14.68 -42.17
N ASP D 11 -57.22 -15.87 -42.79
CA ASP D 11 -57.94 -16.09 -44.04
C ASP D 11 -59.43 -16.29 -43.81
N SER D 12 -59.81 -16.90 -42.67
CA SER D 12 -61.23 -17.10 -42.38
C SER D 12 -61.97 -15.80 -42.11
N HIS D 13 -61.25 -14.75 -41.68
CA HIS D 13 -61.84 -13.42 -41.50
C HIS D 13 -61.53 -12.48 -42.65
N PHE D 14 -60.79 -12.93 -43.67
CA PHE D 14 -60.37 -12.04 -44.75
C PHE D 14 -61.57 -11.39 -45.43
N GLU D 15 -62.67 -12.13 -45.56
CA GLU D 15 -63.84 -11.63 -46.28
C GLU D 15 -64.71 -10.72 -45.44
N GLU D 16 -64.48 -10.63 -44.13
CA GLU D 16 -65.13 -9.63 -43.30
C GLU D 16 -64.39 -8.31 -43.29
N MET D 17 -63.23 -8.23 -43.93
CA MET D 17 -62.30 -7.14 -43.74
C MET D 17 -62.51 -6.02 -44.75
N THR D 18 -62.22 -4.80 -44.30
CA THR D 18 -62.19 -3.65 -45.18
C THR D 18 -61.02 -3.78 -46.17
N ASP D 19 -61.02 -2.93 -47.19
CA ASP D 19 -59.95 -2.99 -48.19
C ASP D 19 -58.58 -2.74 -47.55
N LEU D 20 -58.50 -1.78 -46.63
CA LEU D 20 -57.24 -1.54 -45.91
C LEU D 20 -56.87 -2.74 -45.05
N GLU D 21 -57.84 -3.30 -44.31
CA GLU D 21 -57.53 -4.43 -43.46
C GLU D 21 -57.08 -5.64 -44.27
N GLN D 22 -57.57 -5.79 -45.50
CA GLN D 22 -57.13 -6.89 -46.35
C GLN D 22 -55.72 -6.67 -46.88
N GLU D 23 -55.35 -5.42 -47.18
CA GLU D 23 -53.97 -5.14 -47.56
C GLU D 23 -53.01 -5.56 -46.46
N ILE D 24 -53.37 -5.28 -45.21
CA ILE D 24 -52.55 -5.72 -44.09
C ILE D 24 -52.57 -7.24 -44.00
N ALA D 25 -53.76 -7.85 -44.13
CA ALA D 25 -53.84 -9.31 -44.13
C ALA D 25 -52.91 -9.89 -45.17
N ARG D 26 -52.80 -9.23 -46.32
CA ARG D 26 -51.88 -9.69 -47.35
C ARG D 26 -50.44 -9.62 -46.85
N TYR D 27 -50.06 -8.53 -46.20
CA TYR D 27 -48.71 -8.45 -45.65
C TYR D 27 -48.46 -9.61 -44.70
N PHE D 28 -49.40 -9.85 -43.78
CA PHE D 28 -49.17 -10.86 -42.75
C PHE D 28 -49.37 -12.28 -43.26
N LEU D 29 -50.02 -12.45 -44.41
CA LEU D 29 -50.16 -13.78 -44.98
C LEU D 29 -48.89 -14.25 -45.68
N GLN D 30 -47.94 -13.36 -45.90
CA GLN D 30 -46.68 -13.74 -46.51
C GLN D 30 -45.78 -14.45 -45.51
N ALA D 31 -45.12 -15.53 -45.98
CA ALA D 31 -44.21 -16.28 -45.11
C ALA D 31 -42.97 -15.46 -44.75
N GLU D 32 -42.49 -14.65 -45.69
CA GLU D 32 -41.33 -13.80 -45.51
C GLU D 32 -41.56 -12.68 -44.50
N THR D 33 -42.82 -12.38 -44.16
CA THR D 33 -43.14 -11.27 -43.28
C THR D 33 -42.72 -11.48 -41.83
N ILE D 34 -42.61 -12.73 -41.35
CA ILE D 34 -42.14 -12.94 -39.98
C ILE D 34 -40.65 -12.71 -39.82
N GLN D 35 -39.91 -12.58 -40.91
CA GLN D 35 -38.51 -12.13 -40.87
C GLN D 35 -38.42 -10.62 -40.99
N ASP D 36 -39.33 -9.95 -40.28
CA ASP D 36 -39.44 -8.50 -40.21
C ASP D 36 -39.64 -8.15 -38.74
N ASP D 37 -39.37 -6.89 -38.40
CA ASP D 37 -39.67 -6.35 -37.08
C ASP D 37 -41.17 -6.05 -37.04
N LEU D 38 -41.92 -6.90 -36.35
CA LEU D 38 -43.37 -6.79 -36.27
C LEU D 38 -43.83 -6.09 -34.99
N SER D 39 -43.24 -4.96 -34.63
CA SER D 39 -43.44 -4.38 -33.32
C SER D 39 -44.87 -3.89 -33.14
N SER D 40 -45.28 -2.98 -34.01
CA SER D 40 -46.57 -2.32 -33.89
C SER D 40 -46.40 -0.88 -34.37
N GLN D 41 -45.28 -0.28 -34.01
CA GLN D 41 -44.85 0.97 -34.61
C GLN D 41 -44.00 0.79 -35.86
N GLN D 42 -43.43 -0.40 -36.07
CA GLN D 42 -42.70 -0.73 -37.29
C GLN D 42 -43.63 -1.23 -38.41
N VAL D 43 -44.60 -2.08 -38.09
CA VAL D 43 -45.50 -2.49 -39.15
C VAL D 43 -46.25 -1.27 -39.71
N THR D 44 -46.40 -0.18 -38.95
CA THR D 44 -47.43 0.82 -39.31
C THR D 44 -46.76 1.67 -40.38
N GLN D 45 -45.51 1.94 -40.03
CA GLN D 45 -44.63 2.80 -40.83
C GLN D 45 -44.52 2.17 -42.21
N LYS D 46 -44.33 0.86 -42.19
CA LYS D 46 -44.04 0.22 -43.44
C LYS D 46 -45.28 0.17 -44.29
N LEU D 47 -46.40 -0.22 -43.68
CA LEU D 47 -47.65 -0.30 -44.42
C LEU D 47 -48.25 1.07 -44.68
N HIS D 48 -47.73 2.12 -44.04
CA HIS D 48 -48.29 3.48 -44.15
C HIS D 48 -49.72 3.49 -43.63
N ILE D 49 -49.87 3.03 -42.39
CA ILE D 49 -51.16 2.90 -41.73
C ILE D 49 -51.03 3.40 -40.30
N SER D 50 -52.17 3.54 -39.65
CA SER D 50 -52.22 3.98 -38.27
C SER D 50 -52.26 2.80 -37.31
N GLN D 51 -51.90 3.06 -36.06
CA GLN D 51 -52.02 2.03 -35.04
C GLN D 51 -53.47 1.59 -34.91
N ALA D 52 -54.40 2.55 -34.94
CA ALA D 52 -55.80 2.21 -34.83
C ALA D 52 -56.21 1.26 -35.95
N ALA D 53 -55.71 1.50 -37.17
CA ALA D 53 -56.03 0.63 -38.29
C ALA D 53 -55.48 -0.78 -38.09
N LEU D 54 -54.28 -0.89 -37.53
CA LEU D 54 -53.74 -2.21 -37.22
C LEU D 54 -54.54 -2.88 -36.12
N THR D 55 -54.95 -2.10 -35.11
CA THR D 55 -55.79 -2.64 -34.06
C THR D 55 -57.12 -3.14 -34.62
N ARG D 56 -57.70 -2.39 -35.56
CA ARG D 56 -58.92 -2.84 -36.22
C ARG D 56 -58.68 -4.17 -36.94
N PHE D 57 -57.54 -4.29 -37.63
CA PHE D 57 -57.20 -5.56 -38.25
C PHE D 57 -57.17 -6.68 -37.22
N ALA D 58 -56.42 -6.49 -36.13
CA ALA D 58 -56.34 -7.52 -35.10
C ALA D 58 -57.72 -7.85 -34.57
N LYS D 59 -58.57 -6.85 -34.41
CA LYS D 59 -59.89 -7.07 -33.83
C LYS D 59 -60.76 -7.90 -34.77
N LYS D 60 -60.62 -7.68 -36.08
CA LYS D 60 -61.36 -8.49 -37.05
C LYS D 60 -60.98 -9.96 -36.94
N CYS D 61 -59.72 -10.25 -36.60
CA CYS D 61 -59.24 -11.62 -36.45
C CYS D 61 -59.59 -12.23 -35.10
N GLY D 62 -60.28 -11.48 -34.24
CA GLY D 62 -60.75 -11.99 -32.98
C GLY D 62 -59.87 -11.73 -31.78
N PHE D 63 -58.92 -10.80 -31.88
CA PHE D 63 -58.01 -10.51 -30.79
C PHE D 63 -58.40 -9.20 -30.10
N THR D 64 -58.03 -9.08 -28.83
CA THR D 64 -58.29 -7.86 -28.09
C THR D 64 -57.55 -6.67 -28.67
N GLY D 65 -56.45 -6.93 -29.37
CA GLY D 65 -55.68 -5.87 -29.97
C GLY D 65 -54.53 -6.46 -30.75
N TYR D 66 -53.74 -5.57 -31.35
CA TYR D 66 -52.62 -6.02 -32.16
C TYR D 66 -51.61 -6.79 -31.32
N ARG D 67 -51.33 -6.31 -30.10
CA ARG D 67 -50.29 -6.96 -29.30
C ARG D 67 -50.62 -8.42 -29.04
N GLU D 68 -51.90 -8.74 -28.80
CA GLU D 68 -52.28 -10.13 -28.66
C GLU D 68 -52.11 -10.89 -29.99
N PHE D 69 -52.52 -10.27 -31.09
CA PHE D 69 -52.44 -10.96 -32.38
C PHE D 69 -51.00 -11.24 -32.76
N ILE D 70 -50.12 -10.24 -32.65
CA ILE D 70 -48.75 -10.42 -33.08
C ILE D 70 -48.02 -11.40 -32.17
N PHE D 71 -48.39 -11.43 -30.91
CA PHE D 71 -47.82 -12.41 -30.01
C PHE D 71 -48.11 -13.84 -30.49
N GLN D 72 -49.38 -14.12 -30.81
CA GLN D 72 -49.75 -15.45 -31.30
C GLN D 72 -49.06 -15.76 -32.62
N TYR D 73 -49.03 -14.76 -33.52
CA TYR D 73 -48.34 -14.90 -34.80
C TYR D 73 -46.88 -15.27 -34.60
N GLN D 74 -46.24 -14.76 -33.54
CA GLN D 74 -44.85 -15.07 -33.26
C GLN D 74 -44.67 -16.31 -32.40
N HIS D 75 -45.67 -16.69 -31.61
CA HIS D 75 -45.61 -17.95 -30.88
C HIS D 75 -45.54 -19.15 -31.83
N GLU D 76 -46.43 -19.18 -32.83
CA GLU D 76 -46.52 -20.36 -33.69
C GLU D 76 -45.21 -20.64 -34.41
N ALA D 77 -44.62 -19.62 -35.02
CA ALA D 77 -43.37 -19.81 -35.74
C ALA D 77 -42.27 -20.29 -34.80
N GLU D 78 -42.20 -19.70 -33.61
CA GLU D 78 -41.16 -20.00 -32.64
C GLU D 78 -41.32 -21.42 -32.11
N ASN D 79 -40.22 -22.17 -32.12
CA ASN D 79 -40.12 -23.45 -31.43
C ASN D 79 -39.40 -23.30 -30.09
N GLN D 80 -38.62 -22.23 -29.94
CA GLN D 80 -37.87 -21.98 -28.72
C GLN D 80 -38.84 -21.83 -27.56
N ALA D 81 -38.48 -22.44 -26.42
CA ALA D 81 -39.23 -22.28 -25.16
C ALA D 81 -38.75 -21.00 -24.49
N ASN D 82 -39.15 -19.86 -25.07
CA ASN D 82 -38.88 -18.57 -24.45
C ASN D 82 -39.68 -18.37 -23.18
N GLN D 83 -40.46 -19.37 -22.79
CA GLN D 83 -41.28 -19.34 -21.59
C GLN D 83 -40.63 -20.08 -20.43
N VAL D 84 -40.12 -21.29 -20.65
CA VAL D 84 -39.48 -22.04 -19.58
C VAL D 84 -38.05 -21.56 -19.38
N SER D 85 -37.67 -21.40 -18.12
CA SER D 85 -36.35 -20.89 -17.80
C SER D 85 -35.28 -21.93 -18.08
N LYS D 86 -34.13 -21.47 -18.58
CA LYS D 86 -32.99 -22.33 -18.84
C LYS D 86 -32.00 -22.36 -17.69
N HIS D 87 -32.28 -21.66 -16.60
CA HIS D 87 -31.28 -21.46 -15.55
C HIS D 87 -31.35 -22.57 -14.51
N SER D 88 -30.22 -22.78 -13.82
CA SER D 88 -30.13 -23.73 -12.71
C SER D 88 -30.75 -23.09 -11.48
N PRO D 89 -31.14 -23.89 -10.49
CA PRO D 89 -31.64 -23.31 -9.23
C PRO D 89 -30.70 -22.29 -8.61
N LEU D 90 -29.39 -22.54 -8.66
CA LEU D 90 -28.42 -21.58 -8.09
C LEU D 90 -28.49 -20.22 -8.79
N THR D 91 -28.55 -20.22 -10.12
CA THR D 91 -28.66 -18.96 -10.86
C THR D 91 -29.96 -18.23 -10.52
N LYS D 92 -31.07 -18.97 -10.49
CA LYS D 92 -32.34 -18.34 -10.15
C LYS D 92 -32.30 -17.76 -8.74
N ARG D 93 -31.61 -18.44 -7.82
CA ARG D 93 -31.55 -17.94 -6.45
C ARG D 93 -30.78 -16.62 -6.37
N VAL D 94 -29.67 -16.52 -7.08
CA VAL D 94 -28.89 -15.29 -7.05
C VAL D 94 -29.66 -14.15 -7.70
N LEU D 95 -30.25 -14.41 -8.87
CA LEU D 95 -31.01 -13.37 -9.54
C LEU D 95 -32.19 -12.95 -8.68
N ARG D 96 -32.84 -13.92 -8.03
CA ARG D 96 -33.94 -13.58 -7.12
C ARG D 96 -33.45 -12.65 -6.01
N SER D 97 -32.36 -13.02 -5.34
CA SER D 97 -31.82 -12.18 -4.27
C SER D 97 -31.58 -10.77 -4.75
N TYR D 98 -31.02 -10.62 -5.95
CA TYR D 98 -30.75 -9.29 -6.49
C TYR D 98 -32.03 -8.55 -6.78
N SER D 99 -33.09 -9.26 -7.18
CA SER D 99 -34.37 -8.64 -7.48
C SER D 99 -35.19 -8.38 -6.24
N ASN D 100 -35.18 -9.30 -5.29
CA ASN D 100 -35.86 -9.07 -4.02
C ASN D 100 -35.21 -7.92 -3.27
N MET D 101 -33.98 -7.55 -3.65
CA MET D 101 -33.33 -6.38 -3.07
C MET D 101 -33.75 -5.12 -3.79
N ARG D 102 -33.93 -5.16 -5.12
CA ARG D 102 -34.57 -4.04 -5.80
C ARG D 102 -35.95 -3.78 -5.21
N GLU D 103 -36.68 -4.85 -4.92
CA GLU D 103 -38.02 -4.70 -4.39
C GLU D 103 -38.02 -4.11 -2.99
N GLN D 104 -37.23 -4.66 -2.09
CA GLN D 104 -37.27 -4.18 -0.71
C GLN D 104 -36.70 -2.77 -0.62
N THR D 105 -35.65 -2.48 -1.39
CA THR D 105 -35.15 -1.12 -1.48
C THR D 105 -36.29 -0.17 -1.81
N GLN D 106 -37.03 -0.49 -2.88
CA GLN D 106 -38.14 0.35 -3.33
C GLN D 106 -39.16 0.56 -2.22
N ASP D 107 -39.43 -0.48 -1.43
CA ASP D 107 -40.42 -0.37 -0.36
C ASP D 107 -39.95 0.50 0.79
N LEU D 108 -38.65 0.74 0.90
CA LEU D 108 -38.08 1.50 2.01
C LEU D 108 -37.75 2.93 1.65
N ILE D 109 -37.72 3.27 0.35
CA ILE D 109 -37.34 4.62 -0.06
C ILE D 109 -38.26 5.63 0.60
N ASP D 110 -37.65 6.62 1.25
CA ASP D 110 -38.31 7.81 1.77
C ASP D 110 -37.75 8.97 0.95
N GLU D 111 -38.47 9.40 -0.08
CA GLU D 111 -37.91 10.34 -1.04
C GLU D 111 -37.54 11.69 -0.41
N VAL D 112 -38.27 12.14 0.61
CA VAL D 112 -37.91 13.40 1.26
C VAL D 112 -36.61 13.22 2.03
N GLN D 113 -36.45 12.09 2.72
CA GLN D 113 -35.23 11.86 3.47
C GLN D 113 -34.02 11.84 2.56
N LEU D 114 -34.13 11.17 1.42
CA LEU D 114 -33.00 11.09 0.50
C LEU D 114 -32.69 12.46 -0.10
N GLU D 115 -33.72 13.28 -0.32
CA GLU D 115 -33.51 14.65 -0.78
C GLU D 115 -32.81 15.48 0.29
N ARG D 116 -33.24 15.34 1.54
CA ARG D 116 -32.57 16.02 2.64
C ARG D 116 -31.10 15.60 2.71
N ILE D 117 -30.82 14.30 2.53
CA ILE D 117 -29.47 13.80 2.63
C ILE D 117 -28.60 14.39 1.52
N ALA D 118 -29.11 14.41 0.29
CA ALA D 118 -28.40 15.06 -0.79
C ALA D 118 -28.07 16.51 -0.42
N GLN D 119 -29.06 17.22 0.12
CA GLN D 119 -28.82 18.62 0.47
C GLN D 119 -27.75 18.74 1.54
N LEU D 120 -27.75 17.84 2.53
CA LEU D 120 -26.73 17.90 3.56
C LEU D 120 -25.34 17.79 2.95
N ILE D 121 -25.16 16.89 1.99
CA ILE D 121 -23.85 16.75 1.34
C ILE D 121 -23.46 18.04 0.66
N GLU D 122 -24.42 18.70 0.00
CA GLU D 122 -24.14 19.97 -0.64
C GLU D 122 -23.78 21.04 0.38
N ASP D 123 -24.47 21.07 1.52
CA ASP D 123 -24.27 22.15 2.47
C ASP D 123 -22.96 21.99 3.23
N ALA D 124 -22.48 20.76 3.36
CA ALA D 124 -21.21 20.53 4.04
C ALA D 124 -20.05 21.07 3.23
N GLU D 125 -18.99 21.44 3.95
CA GLU D 125 -17.71 21.79 3.33
C GLU D 125 -16.78 20.60 3.28
N ARG D 126 -16.91 19.68 4.24
CA ARG D 126 -16.16 18.44 4.27
C ARG D 126 -17.12 17.30 4.57
N VAL D 127 -17.00 16.19 3.84
CA VAL D 127 -17.86 15.01 4.03
C VAL D 127 -16.94 13.82 4.31
N TYR D 128 -17.40 12.90 5.17
CA TYR D 128 -16.63 11.70 5.49
C TYR D 128 -17.52 10.47 5.44
N PHE D 129 -16.98 9.38 4.90
CA PHE D 129 -17.67 8.09 4.82
C PHE D 129 -16.93 7.06 5.65
N PHE D 130 -17.64 6.47 6.62
CA PHE D 130 -17.05 5.52 7.56
C PHE D 130 -17.61 4.14 7.31
N GLY D 131 -16.74 3.16 7.06
CA GLY D 131 -17.16 1.79 6.89
C GLY D 131 -16.04 0.77 6.98
N THR D 132 -16.35 -0.40 7.52
CA THR D 132 -15.39 -1.49 7.66
C THR D 132 -15.80 -2.68 6.80
N GLY D 133 -14.81 -3.47 6.41
CA GLY D 133 -15.10 -4.64 5.57
C GLY D 133 -15.75 -4.22 4.27
N SER D 134 -16.83 -4.93 3.91
CA SER D 134 -17.56 -4.60 2.69
C SER D 134 -18.13 -3.18 2.77
N SER D 135 -18.51 -2.72 3.96
CA SER D 135 -19.01 -1.36 4.11
C SER D 135 -17.92 -0.31 3.90
N GLY D 136 -16.65 -0.69 4.05
CA GLY D 136 -15.57 0.20 3.64
C GLY D 136 -15.50 0.37 2.13
N LEU D 137 -15.77 -0.70 1.38
CA LEU D 137 -15.77 -0.55 -0.07
C LEU D 137 -16.87 0.39 -0.53
N VAL D 138 -18.05 0.29 0.08
CA VAL D 138 -19.10 1.25 -0.21
C VAL D 138 -18.61 2.67 0.05
N ALA D 139 -17.96 2.87 1.20
CA ALA D 139 -17.46 4.20 1.56
C ALA D 139 -16.49 4.72 0.51
N ARG D 140 -15.58 3.87 0.04
CA ARG D 140 -14.64 4.28 -0.99
C ARG D 140 -15.37 4.64 -2.28
N GLU D 141 -16.36 3.84 -2.68
CA GLU D 141 -17.09 4.10 -3.92
C GLU D 141 -17.83 5.43 -3.82
N MET D 142 -18.50 5.66 -2.69
CA MET D 142 -19.21 6.92 -2.53
C MET D 142 -18.24 8.10 -2.65
N LYS D 143 -17.04 7.95 -2.08
CA LYS D 143 -16.04 9.00 -2.20
C LYS D 143 -15.65 9.23 -3.66
N LEU D 144 -15.45 8.14 -4.41
CA LEU D 144 -15.05 8.25 -5.81
C LEU D 144 -16.12 8.92 -6.66
N ARG D 145 -17.41 8.66 -6.38
CA ARG D 145 -18.47 9.25 -7.20
C ARG D 145 -18.67 10.72 -6.84
N PHE D 146 -18.60 11.04 -5.56
CA PHE D 146 -18.95 12.38 -5.11
C PHE D 146 -17.81 13.37 -5.26
N MET D 147 -16.55 12.92 -5.17
CA MET D 147 -15.42 13.83 -5.43
C MET D 147 -15.45 14.33 -6.87
N ARG D 148 -16.05 13.57 -7.78
CA ARG D 148 -16.10 13.95 -9.17
C ARG D 148 -17.27 14.88 -9.47
N LEU D 149 -18.10 15.15 -8.47
CA LEU D 149 -19.09 16.21 -8.53
C LEU D 149 -18.63 17.45 -7.76
N GLY D 150 -17.39 17.46 -7.27
CA GLY D 150 -16.78 18.59 -6.61
C GLY D 150 -16.77 18.53 -5.10
N VAL D 151 -17.28 17.46 -4.50
CA VAL D 151 -17.39 17.38 -3.06
C VAL D 151 -16.04 17.06 -2.44
N VAL D 152 -15.71 17.78 -1.37
CA VAL D 152 -14.53 17.49 -0.56
C VAL D 152 -14.92 16.38 0.41
N CYS D 153 -14.40 15.18 0.17
CA CYS D 153 -14.81 14.03 0.96
C CYS D 153 -13.61 13.12 1.18
N GLU D 154 -13.76 12.22 2.15
CA GLU D 154 -12.73 11.25 2.50
C GLU D 154 -13.42 9.96 2.93
N ALA D 155 -12.76 8.83 2.68
CA ALA D 155 -13.29 7.51 3.05
C ALA D 155 -12.33 6.89 4.06
N LEU D 156 -12.89 6.33 5.14
CA LEU D 156 -12.10 5.77 6.23
C LEU D 156 -12.54 4.34 6.51
N THR D 157 -11.59 3.45 6.86
CA THR D 157 -11.87 2.01 6.96
C THR D 157 -11.25 1.37 8.21
N ASP D 158 -10.98 2.14 9.25
CA ASP D 158 -10.49 1.51 10.48
C ASP D 158 -10.69 2.46 11.65
N GLN D 159 -10.53 1.92 12.85
CA GLN D 159 -10.82 2.68 14.07
C GLN D 159 -9.85 3.85 14.26
N ASP D 160 -8.57 3.65 13.99
CA ASP D 160 -7.62 4.74 14.15
C ASP D 160 -8.03 5.93 13.30
N GLY D 161 -8.37 5.68 12.04
CA GLY D 161 -8.82 6.76 11.18
C GLY D 161 -10.05 7.47 11.72
N PHE D 162 -11.06 6.71 12.16
CA PHE D 162 -12.27 7.36 12.66
C PHE D 162 -11.93 8.27 13.83
N ALA D 163 -11.21 7.74 14.83
CA ALA D 163 -10.91 8.54 16.02
C ALA D 163 -10.10 9.78 15.67
N TRP D 164 -9.05 9.62 14.87
CA TRP D 164 -8.22 10.76 14.49
C TRP D 164 -9.02 11.80 13.72
N THR D 165 -9.89 11.35 12.80
CA THR D 165 -10.64 12.31 12.00
C THR D 165 -11.82 12.90 12.76
N THR D 166 -12.49 12.14 13.63
CA THR D 166 -13.60 12.70 14.38
C THR D 166 -13.11 13.82 15.29
N SER D 167 -11.92 13.65 15.88
CA SER D 167 -11.39 14.68 16.78
C SER D 167 -11.14 16.00 16.07
N ILE D 168 -11.04 16.01 14.75
CA ILE D 168 -10.81 17.24 13.99
C ILE D 168 -12.06 17.71 13.27
N MET D 169 -13.21 17.11 13.54
CA MET D 169 -14.44 17.48 12.86
C MET D 169 -15.04 18.73 13.49
N ASP D 170 -15.74 19.51 12.66
CA ASP D 170 -16.41 20.72 13.11
C ASP D 170 -17.82 20.76 12.54
N GLU D 171 -18.51 21.89 12.73
CA GLU D 171 -19.91 22.01 12.34
C GLU D 171 -20.11 22.07 10.84
N ASN D 172 -19.05 22.27 10.06
CA ASN D 172 -19.15 22.21 8.61
C ASN D 172 -18.85 20.81 8.07
N CYS D 173 -19.01 19.78 8.91
CA CYS D 173 -18.73 18.39 8.56
C CYS D 173 -20.03 17.62 8.47
N LEU D 174 -20.03 16.59 7.62
CA LEU D 174 -21.12 15.65 7.47
C LEU D 174 -20.48 14.27 7.38
N VAL D 175 -20.76 13.39 8.34
CA VAL D 175 -20.19 12.05 8.37
C VAL D 175 -21.31 11.04 8.14
N LEU D 176 -21.08 10.11 7.21
CA LEU D 176 -22.05 9.09 6.82
C LEU D 176 -21.47 7.73 7.19
N GLY D 177 -22.16 7.00 8.06
CA GLY D 177 -21.67 5.74 8.61
C GLY D 177 -22.46 4.57 8.04
N PHE D 178 -21.72 3.52 7.67
CA PHE D 178 -22.30 2.34 7.05
C PHE D 178 -22.09 1.13 7.97
N SER D 179 -23.20 0.59 8.47
CA SER D 179 -23.17 -0.58 9.35
C SER D 179 -24.37 -1.44 8.93
N LEU D 180 -24.11 -2.38 8.03
CA LEU D 180 -25.19 -3.23 7.54
C LEU D 180 -25.90 -3.93 8.68
N SER D 181 -25.15 -4.47 9.64
CA SER D 181 -25.75 -5.09 10.81
C SER D 181 -26.40 -4.08 11.73
N GLY D 182 -26.04 -2.80 11.63
CA GLY D 182 -26.56 -1.78 12.49
C GLY D 182 -25.99 -1.76 13.89
N SER D 183 -24.99 -2.59 14.17
CA SER D 183 -24.42 -2.68 15.51
C SER D 183 -22.89 -2.72 15.49
N THR D 184 -22.25 -2.33 14.39
CA THR D 184 -20.80 -2.22 14.33
C THR D 184 -20.34 -1.18 15.34
N PRO D 185 -19.70 -1.58 16.45
CA PRO D 185 -19.42 -0.60 17.52
C PRO D 185 -18.54 0.56 17.08
N SER D 186 -17.56 0.31 16.22
CA SER D 186 -16.67 1.39 15.80
C SER D 186 -17.41 2.46 15.01
N ILE D 187 -18.35 2.05 14.16
CA ILE D 187 -19.11 3.01 13.36
C ILE D 187 -20.04 3.83 14.24
N LEU D 188 -20.81 3.14 15.10
CA LEU D 188 -21.76 3.83 15.95
C LEU D 188 -21.05 4.81 16.88
N ASP D 189 -19.95 4.38 17.51
CA ASP D 189 -19.23 5.26 18.42
C ASP D 189 -18.58 6.42 17.68
N SER D 190 -18.00 6.15 16.50
CA SER D 190 -17.39 7.22 15.73
C SER D 190 -18.43 8.25 15.31
N LEU D 191 -19.63 7.79 14.95
CA LEU D 191 -20.69 8.72 14.59
C LEU D 191 -21.05 9.60 15.77
N LEU D 192 -21.12 9.00 16.97
CA LEU D 192 -21.43 9.78 18.16
C LEU D 192 -20.34 10.79 18.47
N ASP D 193 -19.07 10.36 18.35
CA ASP D 193 -17.96 11.28 18.54
C ASP D 193 -18.05 12.44 17.56
N ALA D 194 -18.38 12.15 16.30
CA ALA D 194 -18.54 13.22 15.32
C ALA D 194 -19.70 14.14 15.68
N LYS D 195 -20.75 13.61 16.31
CA LYS D 195 -21.86 14.47 16.70
C LYS D 195 -21.42 15.50 17.75
N GLU D 196 -20.70 15.05 18.77
CA GLU D 196 -20.26 15.98 19.82
C GLU D 196 -19.33 17.06 19.26
N MET D 197 -18.61 16.76 18.18
CA MET D 197 -17.86 17.79 17.49
C MET D 197 -18.75 18.73 16.70
N GLY D 198 -20.05 18.46 16.64
CA GLY D 198 -20.99 19.35 15.98
C GLY D 198 -21.36 18.98 14.56
N ALA D 199 -20.86 17.88 14.04
CA ALA D 199 -21.20 17.48 12.68
C ALA D 199 -22.54 16.75 12.65
N LYS D 200 -23.19 16.81 11.49
CA LYS D 200 -24.37 16.00 11.26
C LYS D 200 -23.94 14.58 10.91
N THR D 201 -24.81 13.62 11.23
CA THR D 201 -24.47 12.21 11.15
C THR D 201 -25.59 11.44 10.49
N VAL D 202 -25.24 10.57 9.55
CA VAL D 202 -26.19 9.69 8.86
C VAL D 202 -25.73 8.26 9.04
N LEU D 203 -26.63 7.41 9.53
CA LEU D 203 -26.38 5.99 9.67
C LEU D 203 -27.18 5.23 8.62
N PHE D 204 -26.51 4.37 7.86
CA PHE D 204 -27.16 3.43 6.95
C PHE D 204 -27.12 2.05 7.59
N SER D 205 -28.29 1.45 7.82
CA SER D 205 -28.36 0.16 8.47
C SER D 205 -29.62 -0.56 8.03
N SER D 206 -29.56 -1.89 8.02
CA SER D 206 -30.71 -2.72 7.69
C SER D 206 -31.51 -3.15 8.93
N VAL D 207 -31.07 -2.77 10.13
CA VAL D 207 -31.77 -3.07 11.37
C VAL D 207 -32.05 -1.77 12.09
N PRO D 208 -33.31 -1.42 12.36
CA PRO D 208 -33.57 -0.25 13.21
C PRO D 208 -33.10 -0.54 14.63
N ASN D 209 -32.49 0.45 15.24
CA ASN D 209 -32.08 0.29 16.62
C ASN D 209 -32.43 1.58 17.34
N LYS D 210 -33.01 1.47 18.54
CA LYS D 210 -33.33 2.68 19.31
C LYS D 210 -32.19 3.68 19.26
N ASP D 211 -30.95 3.23 19.45
CA ASP D 211 -29.84 4.16 19.55
C ASP D 211 -29.67 5.00 18.29
N SER D 212 -30.22 4.57 17.15
CA SER D 212 -30.04 5.32 15.91
C SER D 212 -30.82 6.63 15.91
N GLN D 213 -31.79 6.82 16.80
CA GLN D 213 -32.47 8.10 16.89
C GLN D 213 -31.52 9.24 17.24
N ALA D 214 -30.35 8.92 17.80
CA ALA D 214 -29.42 9.98 18.21
C ALA D 214 -28.83 10.73 17.02
N TYR D 215 -28.66 10.06 15.88
CA TYR D 215 -28.03 10.68 14.74
C TYR D 215 -29.01 11.57 13.99
N THR D 216 -28.46 12.41 13.11
CA THR D 216 -29.30 13.33 12.35
C THR D 216 -30.32 12.56 11.51
N GLU D 217 -29.86 11.52 10.83
CA GLU D 217 -30.73 10.68 10.01
C GLU D 217 -30.36 9.22 10.17
N THR D 218 -31.37 8.36 10.12
CA THR D 218 -31.17 6.92 10.02
C THR D 218 -31.81 6.46 8.71
N VAL D 219 -31.00 5.85 7.84
CA VAL D 219 -31.49 5.34 6.56
C VAL D 219 -31.60 3.83 6.67
N LEU D 220 -32.79 3.30 6.41
CA LEU D 220 -33.03 1.86 6.49
C LEU D 220 -32.76 1.26 5.12
N VAL D 221 -31.83 0.31 5.06
CA VAL D 221 -31.40 -0.31 3.82
C VAL D 221 -31.95 -1.74 3.80
N ALA D 222 -31.85 -2.38 2.63
CA ALA D 222 -32.50 -3.68 2.44
C ALA D 222 -31.75 -4.76 3.21
N THR D 223 -32.51 -5.63 3.88
CA THR D 223 -31.95 -6.84 4.46
C THR D 223 -31.83 -7.85 3.33
N HIS D 224 -30.84 -8.74 3.45
CA HIS D 224 -30.54 -9.73 2.42
C HIS D 224 -31.60 -10.82 2.43
N SER D 225 -31.96 -11.33 1.24
CA SER D 225 -32.98 -12.36 1.13
C SER D 225 -32.54 -13.67 1.77
N GLN D 226 -31.27 -14.03 1.61
CA GLN D 226 -30.77 -15.32 2.09
C GLN D 226 -30.59 -15.30 3.61
N PRO D 227 -31.18 -16.25 4.34
CA PRO D 227 -31.00 -16.22 5.80
C PRO D 227 -29.54 -16.34 6.21
N SER D 228 -28.81 -17.29 5.61
CA SER D 228 -27.47 -17.62 6.07
C SER D 228 -26.44 -16.64 5.53
N TYR D 229 -25.48 -16.30 6.39
CA TYR D 229 -24.42 -15.37 6.02
C TYR D 229 -23.72 -15.82 4.74
N ILE D 230 -23.37 -17.11 4.66
CA ILE D 230 -22.51 -17.60 3.59
C ILE D 230 -23.21 -17.61 2.23
N GLN D 231 -24.55 -17.62 2.21
CA GLN D 231 -25.27 -17.69 0.93
C GLN D 231 -25.73 -16.34 0.41
N ARG D 232 -25.75 -15.31 1.26
CA ARG D 232 -26.24 -14.00 0.84
C ARG D 232 -25.44 -13.54 -0.38
N ILE D 233 -26.09 -12.75 -1.26
CA ILE D 233 -25.45 -12.37 -2.53
C ILE D 233 -24.16 -11.64 -2.25
N SER D 234 -24.24 -10.53 -1.52
CA SER D 234 -23.09 -9.66 -1.30
C SER D 234 -23.24 -9.02 0.09
N ALA D 235 -22.59 -7.88 0.29
CA ALA D 235 -22.81 -7.01 1.44
C ALA D 235 -22.89 -5.54 1.06
N GLN D 236 -22.26 -5.12 -0.04
CA GLN D 236 -22.38 -3.75 -0.49
C GLN D 236 -23.78 -3.43 -1.02
N LEU D 237 -24.48 -4.42 -1.57
CA LEU D 237 -25.60 -4.10 -2.45
C LEU D 237 -26.67 -3.23 -1.79
N PRO D 238 -27.13 -3.52 -0.58
CA PRO D 238 -28.19 -2.66 0.00
C PRO D 238 -27.81 -1.18 -0.01
N MET D 239 -26.54 -0.85 0.24
CA MET D 239 -26.13 0.55 0.27
C MET D 239 -25.85 1.11 -1.12
N LEU D 240 -25.30 0.32 -2.03
CA LEU D 240 -25.13 0.84 -3.39
C LEU D 240 -26.45 1.34 -3.94
N PHE D 241 -27.55 0.68 -3.58
CA PHE D 241 -28.87 1.11 -4.03
C PHE D 241 -29.11 2.57 -3.64
N PHE D 242 -28.93 2.89 -2.36
CA PHE D 242 -29.23 4.22 -1.85
C PHE D 242 -28.16 5.25 -2.24
N ILE D 243 -26.90 4.83 -2.33
CA ILE D 243 -25.87 5.74 -2.81
C ILE D 243 -26.21 6.23 -4.20
N ASP D 244 -26.68 5.32 -5.05
CA ASP D 244 -27.05 5.67 -6.41
C ASP D 244 -28.29 6.54 -6.43
N LEU D 245 -29.21 6.34 -5.48
CA LEU D 245 -30.39 7.19 -5.40
C LEU D 245 -30.04 8.56 -4.87
N ILE D 246 -29.24 8.61 -3.80
CA ILE D 246 -28.82 9.89 -3.25
C ILE D 246 -27.99 10.65 -4.27
N TYR D 247 -27.13 9.94 -5.00
CA TYR D 247 -26.33 10.58 -6.04
C TYR D 247 -27.22 11.23 -7.08
N ALA D 248 -28.27 10.52 -7.52
CA ALA D 248 -29.14 11.06 -8.55
C ALA D 248 -29.84 12.33 -8.07
N TYR D 249 -30.28 12.33 -6.82
CA TYR D 249 -30.83 13.55 -6.22
C TYR D 249 -29.76 14.63 -6.16
N PHE D 250 -28.58 14.29 -5.66
CA PHE D 250 -27.54 15.28 -5.42
C PHE D 250 -27.06 15.93 -6.70
N LEU D 251 -27.07 15.20 -7.82
CA LEU D 251 -26.59 15.77 -9.08
C LEU D 251 -27.50 16.89 -9.58
N GLU D 252 -28.79 16.82 -9.26
CA GLU D 252 -29.71 17.85 -9.74
C GLU D 252 -29.58 19.18 -9.00
N ILE D 253 -28.81 19.22 -7.91
CA ILE D 253 -28.54 20.45 -7.18
C ILE D 253 -27.32 21.10 -7.83
N ASN D 254 -27.51 22.25 -8.47
CA ASN D 254 -26.44 22.94 -9.18
C ASN D 254 -25.76 22.03 -10.21
N ARG D 255 -26.56 21.20 -10.87
CA ARG D 255 -26.05 20.24 -11.84
C ARG D 255 -24.97 20.85 -12.74
N GLU D 256 -25.26 22.01 -13.32
CA GLU D 256 -24.32 22.59 -14.27
C GLU D 256 -22.92 22.66 -13.69
N SER D 257 -22.80 23.06 -12.43
CA SER D 257 -21.48 23.16 -11.81
C SER D 257 -20.82 21.79 -11.72
N LYS D 258 -21.56 20.78 -11.30
CA LYS D 258 -21.03 19.44 -11.12
C LYS D 258 -20.87 18.70 -12.43
N GLU D 259 -21.40 19.23 -13.53
CA GLU D 259 -21.13 18.70 -14.85
C GLU D 259 -19.84 19.26 -15.44
N LYS D 260 -19.47 20.47 -15.06
CA LYS D 260 -18.16 20.97 -15.43
C LYS D 260 -17.07 20.22 -14.69
N ILE D 261 -17.24 20.05 -13.37
CA ILE D 261 -16.23 19.33 -12.59
C ILE D 261 -16.13 17.88 -13.06
N PHE D 262 -17.28 17.24 -13.30
CA PHE D 262 -17.23 15.88 -13.83
C PHE D 262 -16.48 15.84 -15.15
N ASN D 263 -16.82 16.75 -16.06
CA ASN D 263 -16.23 16.72 -17.39
C ASN D 263 -14.81 17.28 -17.42
N SER D 264 -14.40 18.01 -16.37
CA SER D 264 -13.03 18.50 -16.32
C SER D 264 -12.05 17.35 -16.27
N TYR D 265 -12.46 16.20 -15.70
CA TYR D 265 -11.59 15.03 -15.66
C TYR D 265 -11.20 14.60 -17.07
N TRP D 266 -12.18 14.59 -17.98
CA TRP D 266 -11.91 14.23 -19.36
C TRP D 266 -11.07 15.30 -20.04
N GLU D 267 -11.36 16.57 -19.77
CA GLU D 267 -10.64 17.70 -20.35
C GLU D 267 -9.13 17.57 -20.09
N ASN D 268 -8.37 18.18 -20.98
CA ASN D 268 -6.90 18.16 -20.90
C ASN D 268 -6.37 19.50 -20.40
P PO4 E . -5.80 -0.05 1.53
O1 PO4 E . -7.24 -0.44 1.44
O2 PO4 E . -5.57 0.60 2.88
O3 PO4 E . -5.47 0.96 0.44
O4 PO4 E . -4.94 -1.29 1.36
P PO4 F . 1.85 -0.48 17.02
O1 PO4 F . 0.67 0.47 17.00
O2 PO4 F . 3.09 0.22 16.50
O3 PO4 F . 1.54 -1.66 16.12
O4 PO4 F . 2.09 -0.98 18.42
P PO4 G . 40.22 7.38 12.36
O1 PO4 G . 39.19 6.51 13.02
O2 PO4 G . 39.95 7.54 10.89
O3 PO4 G . 40.17 8.74 12.96
O4 PO4 G . 41.60 6.81 12.59
S SO4 H . 31.30 -1.06 15.72
O1 SO4 H . 30.43 -1.86 16.57
O2 SO4 H . 30.82 -1.13 14.34
O3 SO4 H . 32.66 -1.60 15.78
O4 SO4 H . 31.29 0.31 16.18
CL CL I . 12.60 9.93 18.69
P PO4 J . 9.61 7.18 -6.43
O1 PO4 J . 8.49 6.80 -7.38
O2 PO4 J . 10.45 8.28 -7.05
O3 PO4 J . 10.49 5.98 -6.14
O4 PO4 J . 9.03 7.67 -5.12
P PO4 K . 58.92 -30.40 34.98
O1 PO4 K . 58.42 -30.60 33.57
O2 PO4 K . 59.91 -29.25 35.01
O3 PO4 K . 59.60 -31.65 35.46
O4 PO4 K . 57.76 -30.08 35.90
S SO4 L . 43.57 -18.17 45.39
O1 SO4 L . 43.20 -16.77 45.49
O2 SO4 L . 42.61 -18.89 44.57
O3 SO4 L . 43.61 -18.79 46.72
O4 SO4 L . 44.88 -18.28 44.75
S SO4 M . 24.94 8.02 12.68
O1 SO4 M . 23.73 7.40 13.14
O2 SO4 M . 24.95 8.21 11.24
O3 SO4 M . 25.05 9.32 13.31
O4 SO4 M . 26.03 7.18 13.10
CL CL N . 21.75 2.46 0.29
P PO4 O . -12.74 0.41 -15.67
O1 PO4 O . -14.04 0.82 -15.00
O2 PO4 O . -12.96 0.31 -17.16
O3 PO4 O . -11.66 1.43 -15.35
O4 PO4 O . -12.32 -0.93 -15.13
S SO4 P . -35.66 -6.81 -11.05
O1 SO4 P . -36.33 -6.51 -9.82
O2 SO4 P . -36.18 -6.00 -12.15
O3 SO4 P . -35.80 -8.23 -11.28
O4 SO4 P . -34.26 -6.46 -10.96
CL CL Q . -27.14 3.08 -15.74
P PO4 R . -20.80 -4.26 8.82
O1 PO4 R . -22.02 -4.02 9.68
O2 PO4 R . -20.00 -2.98 8.74
O3 PO4 R . -19.96 -5.35 9.45
O4 PO4 R . -21.22 -4.68 7.44
S SO4 S . -48.79 -4.42 -19.87
O1 SO4 S . -48.78 -5.62 -20.71
O2 SO4 S . -49.91 -3.57 -20.24
O3 SO4 S . -47.55 -3.68 -20.05
O4 SO4 S . -48.92 -4.79 -18.45
CL CL T . -29.08 -12.55 -0.50
#